data_6MDB
#
_entry.id   6MDB
#
_cell.length_a   46.270
_cell.length_b   213.520
_cell.length_c   55.760
_cell.angle_alpha   90.000
_cell.angle_beta   96.430
_cell.angle_gamma   90.000
#
_symmetry.space_group_name_H-M   'P 1 21 1'
#
loop_
_entity.id
_entity.type
_entity.pdbx_description
1 polymer 'Tyrosine-protein phosphatase non-receptor type 11'
2 non-polymer 6-(4-amino-4-methylpiperidin-1-yl)-3-(2,3-dichlorophenyl)-5-methyl-1,5-dihydro-4H-pyrazolo[3,4-d]pyrimidin-4-one
3 non-polymer 'PHOSPHATE ION'
4 water water
#
_entity_poly.entity_id   1
_entity_poly.type   'polypeptide(L)'
_entity_poly.pdbx_seq_one_letter_code
;SMTSRRWFHPNITGVEAENLLLTRGVDGSFLARPSKSNPGDFTLSVRRNGAVTHIKIQNTGDYYDLYGGEKFATLAELVQ
YYMEHHGQLKEKNGDVIELKYPLNCADPTSERWFHGHLSGKEAEKLLTEKGKHGSFLVRESQSHPGDFVLSVRTGDDKGE
SNDGKSKVTHVMIRCQELKYDVGGGERFDSLTDLVEHYKKNPMVETLGTVLQLKQPLNTTRINAAEIESRVRELSKLAET
TDKVKQGFWEEFETLQQQECKLLYSRKEGQRQENKNKNRYKNILPFDHTRVVLHDGDPNEPVSDYINANIIMPEFETKCN
NSKPKKSYIATQGCLQNTVNDFWRMVFQENSRVIVMTTKEVERGKSKCVKYWPDEYALKEYGVMRVRNVKESAAHDYTLR
ELKLSKVGQGNTERTVWQYHFRTWPDHGVPSDPGGVLDFLEEVHHKQESIMDAGPVVVHCSAGIGRTGTFIVIDILIDII
REKGVDCDIDVPKTIQMVRSQRSGMVQTEAQYRFIYMAVQHYIETL
;
_entity_poly.pdbx_strand_id   A,B
#
loop_
_chem_comp.id
_chem_comp.type
_chem_comp.name
_chem_comp.formula
JE4 non-polymer 6-(4-amino-4-methylpiperidin-1-yl)-3-(2,3-dichlorophenyl)-5-methyl-1,5-dihydro-4H-pyrazolo[3,4-d]pyrimidin-4-one 'C18 H20 Cl2 N6 O'
PO4 non-polymer 'PHOSPHATE ION' 'O4 P -3'
#
# COMPACT_ATOMS: atom_id res chain seq x y z
N SER A 4 -8.20 -35.02 -20.14
CA SER A 4 -6.90 -35.69 -20.07
C SER A 4 -5.80 -34.77 -19.49
N ARG A 5 -5.31 -35.11 -18.27
CA ARG A 5 -4.25 -34.37 -17.59
C ARG A 5 -3.12 -35.35 -17.26
N ARG A 6 -3.02 -36.43 -18.06
CA ARG A 6 -2.05 -37.53 -17.96
C ARG A 6 -0.59 -37.06 -18.05
N TRP A 7 -0.34 -35.84 -18.58
CA TRP A 7 1.00 -35.27 -18.74
C TRP A 7 1.54 -34.83 -17.38
N PHE A 8 0.73 -34.93 -16.33
CA PHE A 8 1.14 -34.58 -14.98
C PHE A 8 1.47 -35.84 -14.22
N HIS A 9 2.72 -35.96 -13.82
CA HIS A 9 3.23 -37.12 -13.08
C HIS A 9 3.44 -36.67 -11.62
N PRO A 10 2.65 -37.16 -10.62
CA PRO A 10 2.82 -36.64 -9.26
C PRO A 10 3.96 -37.22 -8.43
N ASN A 11 4.45 -38.44 -8.77
CA ASN A 11 5.50 -39.08 -7.98
C ASN A 11 6.74 -39.43 -8.80
N ILE A 12 7.36 -38.42 -9.41
CA ILE A 12 8.60 -38.57 -10.17
C ILE A 12 9.57 -37.45 -9.82
N THR A 13 10.86 -37.80 -9.86
CA THR A 13 12.01 -36.94 -9.64
C THR A 13 12.41 -36.35 -11.02
N GLY A 14 13.25 -35.32 -11.01
CA GLY A 14 13.76 -34.69 -12.22
C GLY A 14 14.54 -35.64 -13.10
N VAL A 15 15.27 -36.61 -12.47
CA VAL A 15 16.09 -37.62 -13.17
C VAL A 15 15.18 -38.65 -13.87
N GLU A 16 14.13 -39.16 -13.15
CA GLU A 16 13.14 -40.09 -13.69
C GLU A 16 12.50 -39.48 -14.93
N ALA A 17 12.16 -38.17 -14.86
CA ALA A 17 11.57 -37.35 -15.90
C ALA A 17 12.46 -37.22 -17.12
N GLU A 18 13.78 -37.14 -16.90
CA GLU A 18 14.74 -36.99 -17.98
C GLU A 18 14.81 -38.29 -18.78
N ASN A 19 15.00 -39.43 -18.09
CA ASN A 19 15.03 -40.78 -18.67
C ASN A 19 13.72 -41.12 -19.43
N LEU A 20 12.55 -40.72 -18.86
CA LEU A 20 11.21 -40.90 -19.45
C LEU A 20 11.13 -40.20 -20.82
N LEU A 21 11.51 -38.92 -20.88
CA LEU A 21 11.48 -38.12 -22.10
C LEU A 21 12.51 -38.53 -23.16
N LEU A 22 13.65 -39.11 -22.73
CA LEU A 22 14.72 -39.52 -23.65
C LEU A 22 14.47 -40.89 -24.23
N THR A 23 14.02 -41.84 -23.39
CA THR A 23 13.75 -43.22 -23.80
C THR A 23 12.34 -43.43 -24.37
N ARG A 24 11.30 -42.76 -23.80
CA ARG A 24 9.91 -42.98 -24.25
C ARG A 24 9.28 -41.79 -25.01
N GLY A 25 10.01 -40.68 -25.10
CA GLY A 25 9.55 -39.49 -25.81
C GLY A 25 10.28 -39.22 -27.10
N VAL A 26 9.87 -38.15 -27.79
CA VAL A 26 10.43 -37.66 -29.05
C VAL A 26 10.62 -36.14 -28.91
N ASP A 27 11.24 -35.46 -29.88
CA ASP A 27 11.38 -34.01 -29.79
C ASP A 27 9.98 -33.38 -29.84
N GLY A 28 9.69 -32.59 -28.82
CA GLY A 28 8.38 -31.97 -28.63
C GLY A 28 7.60 -32.65 -27.54
N SER A 29 8.14 -33.79 -26.99
CA SER A 29 7.53 -34.52 -25.87
C SER A 29 7.62 -33.70 -24.59
N PHE A 30 6.56 -33.71 -23.79
CA PHE A 30 6.61 -32.93 -22.54
C PHE A 30 5.86 -33.57 -21.40
N LEU A 31 6.19 -33.13 -20.19
CA LEU A 31 5.49 -33.52 -18.97
C LEU A 31 5.64 -32.44 -17.92
N ALA A 32 4.77 -32.46 -16.93
CA ALA A 32 4.83 -31.54 -15.80
C ALA A 32 4.87 -32.41 -14.55
N ARG A 33 5.46 -31.91 -13.48
CA ARG A 33 5.60 -32.68 -12.24
C ARG A 33 5.75 -31.73 -11.01
N PRO A 34 5.45 -32.19 -9.78
CA PRO A 34 5.69 -31.32 -8.61
C PRO A 34 7.18 -31.31 -8.27
N SER A 35 7.70 -30.16 -7.85
CA SER A 35 9.12 -30.01 -7.51
C SER A 35 9.50 -30.73 -6.22
N LYS A 36 10.61 -31.49 -6.28
CA LYS A 36 11.18 -32.27 -5.18
C LYS A 36 12.19 -31.43 -4.37
N SER A 37 12.96 -30.53 -5.06
CA SER A 37 13.96 -29.62 -4.48
C SER A 37 13.34 -28.43 -3.75
N ASN A 38 12.07 -28.08 -4.07
CA ASN A 38 11.29 -27.00 -3.43
C ASN A 38 9.76 -27.24 -3.51
N PRO A 39 9.13 -27.87 -2.47
CA PRO A 39 7.67 -28.10 -2.53
C PRO A 39 6.83 -26.82 -2.68
N GLY A 40 5.76 -26.91 -3.45
CA GLY A 40 4.88 -25.78 -3.79
C GLY A 40 5.15 -25.29 -5.21
N ASP A 41 6.29 -25.71 -5.79
CA ASP A 41 6.72 -25.39 -7.15
C ASP A 41 6.51 -26.57 -8.12
N PHE A 42 6.50 -26.25 -9.42
CA PHE A 42 6.27 -27.25 -10.46
C PHE A 42 7.37 -27.18 -11.51
N THR A 43 7.56 -28.29 -12.23
CA THR A 43 8.54 -28.33 -13.32
C THR A 43 7.86 -28.81 -14.59
N LEU A 44 8.08 -28.07 -15.68
CA LEU A 44 7.63 -28.42 -17.00
C LEU A 44 8.89 -28.90 -17.75
N SER A 45 8.96 -30.21 -18.06
CA SER A 45 10.12 -30.82 -18.72
C SER A 45 9.79 -31.09 -20.18
N VAL A 46 10.56 -30.48 -21.10
CA VAL A 46 10.37 -30.58 -22.55
C VAL A 46 11.60 -31.11 -23.26
N ARG A 47 11.40 -32.06 -24.20
CA ARG A 47 12.47 -32.60 -25.03
C ARG A 47 12.56 -31.77 -26.31
N ARG A 48 13.77 -31.26 -26.62
CA ARG A 48 14.06 -30.41 -27.77
C ARG A 48 15.49 -30.69 -28.23
N ASN A 49 15.64 -31.07 -29.54
CA ASN A 49 16.91 -31.42 -30.18
C ASN A 49 17.74 -32.43 -29.34
N GLY A 50 17.09 -33.54 -28.98
CA GLY A 50 17.68 -34.64 -28.21
C GLY A 50 17.98 -34.36 -26.74
N ALA A 51 17.83 -33.08 -26.33
CA ALA A 51 18.08 -32.63 -24.96
C ALA A 51 16.77 -32.27 -24.21
N VAL A 52 16.76 -32.46 -22.87
CA VAL A 52 15.63 -32.16 -21.99
C VAL A 52 15.85 -30.82 -21.26
N THR A 53 14.87 -29.91 -21.38
CA THR A 53 14.83 -28.58 -20.75
C THR A 53 13.83 -28.63 -19.59
N HIS A 54 14.29 -28.26 -18.37
CA HIS A 54 13.48 -28.18 -17.16
C HIS A 54 13.07 -26.73 -16.88
N ILE A 55 11.76 -26.42 -17.00
CA ILE A 55 11.19 -25.08 -16.79
C ILE A 55 10.43 -24.99 -15.44
N LYS A 56 10.85 -24.05 -14.60
CA LYS A 56 10.21 -23.82 -13.31
C LYS A 56 8.88 -23.11 -13.42
N ILE A 57 7.92 -23.60 -12.64
CA ILE A 57 6.59 -23.00 -12.49
C ILE A 57 6.46 -22.73 -11.00
N GLN A 58 5.99 -21.55 -10.65
CA GLN A 58 5.86 -21.14 -9.26
C GLN A 58 4.42 -20.77 -8.91
N ASN A 59 3.98 -21.12 -7.69
CA ASN A 59 2.67 -20.75 -7.18
C ASN A 59 2.75 -20.44 -5.69
N THR A 60 2.75 -19.15 -5.36
CA THR A 60 2.76 -18.67 -3.98
C THR A 60 1.34 -18.59 -3.43
N GLY A 61 0.34 -18.74 -4.32
CA GLY A 61 -1.07 -18.68 -3.97
C GLY A 61 -1.95 -17.76 -4.81
N ASP A 62 -1.37 -17.10 -5.81
CA ASP A 62 -2.15 -16.17 -6.63
C ASP A 62 -2.38 -16.67 -8.04
N TYR A 63 -1.44 -17.45 -8.61
CA TYR A 63 -1.47 -17.95 -10.01
C TYR A 63 -0.24 -18.80 -10.25
N TYR A 64 -0.22 -19.53 -11.37
CA TYR A 64 0.93 -20.33 -11.82
C TYR A 64 1.76 -19.43 -12.72
N ASP A 65 2.97 -19.15 -12.30
CA ASP A 65 3.91 -18.29 -13.01
C ASP A 65 5.00 -19.18 -13.62
N LEU A 66 4.97 -19.29 -14.94
CA LEU A 66 5.92 -20.08 -15.71
C LEU A 66 7.17 -19.22 -15.99
N TYR A 67 8.40 -19.74 -15.74
CA TYR A 67 9.63 -18.98 -16.02
C TYR A 67 9.78 -18.78 -17.54
N GLY A 68 9.93 -17.52 -17.94
CA GLY A 68 10.04 -17.14 -19.36
C GLY A 68 8.75 -17.45 -20.08
N GLY A 69 7.64 -17.10 -19.43
CA GLY A 69 6.29 -17.34 -19.94
C GLY A 69 5.26 -16.45 -19.26
N GLU A 70 3.99 -16.89 -19.33
CA GLU A 70 2.84 -16.16 -18.79
C GLU A 70 2.32 -16.71 -17.44
N LYS A 71 1.37 -15.97 -16.82
CA LYS A 71 0.67 -16.30 -15.58
C LYS A 71 -0.67 -17.00 -15.91
N PHE A 72 -0.92 -18.15 -15.28
CA PHE A 72 -2.13 -18.94 -15.55
C PHE A 72 -2.92 -19.26 -14.33
N ALA A 73 -4.22 -19.51 -14.54
CA ALA A 73 -5.15 -19.93 -13.50
C ALA A 73 -4.95 -21.38 -13.13
N THR A 74 -4.63 -22.25 -14.13
CA THR A 74 -4.40 -23.69 -13.81
C THR A 74 -3.28 -24.24 -14.69
N LEU A 75 -2.70 -25.42 -14.33
CA LEU A 75 -1.69 -26.09 -15.16
C LEU A 75 -2.24 -26.53 -16.51
N ALA A 76 -3.48 -27.01 -16.53
CA ALA A 76 -4.15 -27.44 -17.77
C ALA A 76 -4.40 -26.23 -18.71
N GLU A 77 -4.68 -25.02 -18.16
CA GLU A 77 -4.90 -23.81 -18.97
C GLU A 77 -3.59 -23.33 -19.53
N LEU A 78 -2.49 -23.54 -18.79
CA LEU A 78 -1.12 -23.25 -19.22
C LEU A 78 -0.78 -24.16 -20.43
N VAL A 79 -0.91 -25.48 -20.24
CA VAL A 79 -0.59 -26.52 -21.24
C VAL A 79 -1.48 -26.39 -22.49
N GLN A 80 -2.76 -26.02 -22.32
CA GLN A 80 -3.66 -25.84 -23.47
C GLN A 80 -3.21 -24.62 -24.28
N TYR A 81 -2.78 -23.56 -23.58
CA TYR A 81 -2.31 -22.33 -24.21
C TYR A 81 -1.05 -22.56 -25.06
N TYR A 82 -0.02 -23.20 -24.51
CA TYR A 82 1.24 -23.40 -25.24
C TYR A 82 1.16 -24.46 -26.35
N MET A 83 0.15 -25.35 -26.31
CA MET A 83 -0.09 -26.36 -27.35
C MET A 83 -0.94 -25.78 -28.51
N GLU A 84 -1.49 -24.56 -28.34
CA GLU A 84 -2.34 -23.89 -29.33
C GLU A 84 -1.80 -22.47 -29.63
N HIS A 85 -0.57 -22.15 -29.16
CA HIS A 85 0.13 -20.87 -29.36
C HIS A 85 1.64 -21.13 -29.41
N HIS A 86 2.12 -21.73 -30.51
CA HIS A 86 3.55 -22.05 -30.73
C HIS A 86 4.39 -20.76 -30.93
N GLY A 87 5.68 -20.87 -30.62
CA GLY A 87 6.64 -19.77 -30.69
C GLY A 87 6.59 -18.85 -29.48
N GLN A 88 5.66 -19.10 -28.54
CA GLN A 88 5.43 -18.30 -27.33
C GLN A 88 6.31 -18.68 -26.13
N LEU A 89 6.82 -19.92 -26.09
CA LEU A 89 7.65 -20.39 -24.98
C LEU A 89 9.15 -20.40 -25.33
N LYS A 90 9.95 -19.65 -24.56
CA LYS A 90 11.40 -19.50 -24.75
C LYS A 90 12.13 -19.63 -23.42
N GLY A 94 16.44 -17.67 -25.57
CA GLY A 94 16.23 -17.22 -26.95
C GLY A 94 15.45 -18.19 -27.81
N ASP A 95 15.86 -19.48 -27.80
CA ASP A 95 15.25 -20.58 -28.57
C ASP A 95 13.78 -20.84 -28.24
N VAL A 96 13.00 -21.27 -29.24
CA VAL A 96 11.57 -21.60 -29.05
C VAL A 96 11.42 -23.05 -28.58
N ILE A 97 10.62 -23.24 -27.53
CA ILE A 97 10.31 -24.52 -26.92
C ILE A 97 8.87 -24.85 -27.33
N GLU A 98 8.68 -25.99 -27.99
CA GLU A 98 7.35 -26.44 -28.44
C GLU A 98 6.82 -27.60 -27.59
N LEU A 99 5.58 -27.47 -27.09
CA LEU A 99 4.89 -28.53 -26.34
C LEU A 99 4.02 -29.19 -27.42
N LYS A 100 4.47 -30.33 -27.93
CA LYS A 100 3.81 -31.06 -29.02
C LYS A 100 3.14 -32.32 -28.48
N TYR A 101 3.93 -33.21 -27.85
CA TYR A 101 3.44 -34.51 -27.38
C TYR A 101 3.45 -34.69 -25.88
N PRO A 102 2.27 -34.73 -25.24
CA PRO A 102 2.26 -34.99 -23.79
C PRO A 102 2.68 -36.43 -23.51
N LEU A 103 3.60 -36.60 -22.58
CA LEU A 103 4.04 -37.93 -22.20
C LEU A 103 3.20 -38.35 -20.99
N ASN A 104 2.32 -39.33 -21.20
CA ASN A 104 1.37 -39.86 -20.23
C ASN A 104 1.96 -40.65 -19.10
N CYS A 105 1.32 -40.49 -17.94
CA CYS A 105 1.64 -41.08 -16.64
C CYS A 105 0.70 -42.25 -16.41
N ALA A 106 1.23 -43.41 -16.01
CA ALA A 106 0.40 -44.58 -15.76
C ALA A 106 0.05 -44.76 -14.27
N ASP A 107 0.66 -43.95 -13.38
CA ASP A 107 0.47 -44.02 -11.94
C ASP A 107 -0.97 -43.66 -11.55
N PRO A 108 -1.71 -44.54 -10.80
CA PRO A 108 -3.11 -44.24 -10.46
C PRO A 108 -3.33 -43.42 -9.18
N THR A 109 -2.25 -43.00 -8.49
CA THR A 109 -2.29 -42.27 -7.20
C THR A 109 -3.21 -41.02 -7.14
N SER A 110 -3.39 -40.28 -8.26
CA SER A 110 -4.23 -39.07 -8.29
C SER A 110 -5.67 -39.29 -8.85
N GLU A 111 -6.13 -40.56 -8.88
CA GLU A 111 -7.47 -40.90 -9.35
C GLU A 111 -8.41 -40.93 -8.15
N ARG A 112 -9.67 -40.47 -8.33
CA ARG A 112 -10.65 -40.44 -7.23
C ARG A 112 -11.01 -41.85 -6.80
N TRP A 113 -10.89 -42.83 -7.71
CA TRP A 113 -11.25 -44.22 -7.40
C TRP A 113 -10.10 -45.08 -6.80
N PHE A 114 -8.83 -44.61 -6.83
CA PHE A 114 -7.71 -45.43 -6.31
C PHE A 114 -7.48 -45.32 -4.79
N HIS A 115 -7.61 -46.45 -4.08
CA HIS A 115 -7.48 -46.51 -2.62
C HIS A 115 -6.24 -47.24 -2.07
N GLY A 116 -5.27 -47.54 -2.94
CA GLY A 116 -4.02 -48.21 -2.57
C GLY A 116 -4.23 -49.35 -1.60
N HIS A 117 -3.64 -49.21 -0.39
CA HIS A 117 -3.79 -50.18 0.70
C HIS A 117 -5.20 -50.02 1.31
N LEU A 118 -5.98 -51.09 1.25
CA LEU A 118 -7.36 -51.17 1.74
C LEU A 118 -7.77 -52.65 1.62
N SER A 119 -8.17 -53.27 2.75
CA SER A 119 -8.58 -54.66 2.80
C SER A 119 -9.99 -54.84 2.18
N GLY A 120 -10.31 -56.08 1.83
CA GLY A 120 -11.58 -56.45 1.21
C GLY A 120 -12.81 -56.19 2.06
N LYS A 121 -12.65 -56.31 3.39
CA LYS A 121 -13.71 -56.08 4.38
C LYS A 121 -13.91 -54.58 4.60
N GLU A 122 -12.79 -53.82 4.64
CA GLU A 122 -12.77 -52.37 4.82
C GLU A 122 -13.43 -51.67 3.62
N ALA A 123 -13.08 -52.10 2.38
CA ALA A 123 -13.62 -51.59 1.12
C ALA A 123 -15.08 -51.96 0.96
N GLU A 124 -15.49 -53.12 1.51
CA GLU A 124 -16.88 -53.57 1.48
C GLU A 124 -17.71 -52.73 2.48
N LYS A 125 -17.11 -52.35 3.61
CA LYS A 125 -17.72 -51.50 4.65
C LYS A 125 -17.95 -50.09 4.06
N LEU A 126 -16.96 -49.58 3.29
CA LEU A 126 -17.03 -48.29 2.60
C LEU A 126 -18.14 -48.27 1.53
N LEU A 127 -18.24 -49.32 0.68
CA LEU A 127 -19.28 -49.41 -0.35
C LEU A 127 -20.66 -49.70 0.23
N THR A 128 -20.72 -50.30 1.44
CA THR A 128 -21.99 -50.60 2.10
C THR A 128 -22.53 -49.36 2.82
N GLU A 129 -21.66 -48.66 3.56
CA GLU A 129 -22.05 -47.44 4.29
C GLU A 129 -22.18 -46.19 3.40
N LYS A 130 -21.22 -45.93 2.49
CA LYS A 130 -21.17 -44.72 1.66
C LYS A 130 -21.61 -44.85 0.21
N GLY A 131 -21.51 -46.06 -0.34
CA GLY A 131 -21.83 -46.32 -1.75
C GLY A 131 -23.28 -46.25 -2.14
N LYS A 132 -23.52 -46.23 -3.45
CA LYS A 132 -24.82 -46.26 -4.12
C LYS A 132 -24.65 -47.04 -5.43
N HIS A 133 -25.69 -47.11 -6.27
CA HIS A 133 -25.57 -47.84 -7.55
C HIS A 133 -24.48 -47.22 -8.42
N GLY A 134 -23.51 -48.04 -8.79
CA GLY A 134 -22.39 -47.64 -9.63
C GLY A 134 -21.15 -47.17 -8.92
N SER A 135 -21.20 -47.04 -7.59
CA SER A 135 -20.06 -46.61 -6.78
C SER A 135 -18.98 -47.69 -6.80
N PHE A 136 -17.79 -47.31 -7.22
CA PHE A 136 -16.69 -48.24 -7.33
C PHE A 136 -15.43 -47.66 -6.71
N LEU A 137 -14.40 -48.50 -6.59
CA LEU A 137 -13.09 -48.19 -6.05
C LEU A 137 -12.11 -49.26 -6.53
N VAL A 138 -10.81 -48.96 -6.48
CA VAL A 138 -9.76 -49.88 -6.88
C VAL A 138 -8.74 -49.86 -5.75
N ARG A 139 -8.43 -51.04 -5.21
CA ARG A 139 -7.47 -51.27 -4.12
C ARG A 139 -6.35 -52.24 -4.54
N GLU A 140 -5.29 -52.33 -3.72
CA GLU A 140 -4.14 -53.21 -3.93
C GLU A 140 -4.40 -54.55 -3.22
N SER A 141 -4.33 -55.69 -3.97
CA SER A 141 -4.50 -57.06 -3.46
C SER A 141 -3.36 -57.39 -2.43
N GLN A 142 -3.56 -58.26 -1.38
CA GLN A 142 -4.68 -59.14 -0.95
C GLN A 142 -4.70 -60.45 -1.74
N PRO A 145 -1.23 -59.59 -4.37
CA PRO A 145 0.24 -59.71 -4.32
C PRO A 145 0.89 -59.01 -5.53
N GLY A 146 0.71 -57.69 -5.60
CA GLY A 146 1.17 -56.86 -6.71
C GLY A 146 0.04 -56.64 -7.71
N ASP A 147 -1.08 -57.36 -7.52
CA ASP A 147 -2.31 -57.28 -8.29
C ASP A 147 -3.25 -56.22 -7.69
N PHE A 148 -4.48 -56.09 -8.23
CA PHE A 148 -5.45 -55.07 -7.80
C PHE A 148 -6.86 -55.62 -7.74
N VAL A 149 -7.76 -54.95 -7.02
CA VAL A 149 -9.15 -55.39 -6.94
C VAL A 149 -10.10 -54.24 -7.31
N LEU A 150 -10.99 -54.48 -8.25
CA LEU A 150 -12.01 -53.51 -8.61
C LEU A 150 -13.27 -53.93 -7.83
N SER A 151 -13.72 -53.10 -6.92
CA SER A 151 -14.92 -53.41 -6.13
C SER A 151 -16.04 -52.44 -6.51
N VAL A 152 -17.20 -52.97 -6.98
CA VAL A 152 -18.35 -52.19 -7.47
C VAL A 152 -19.62 -52.54 -6.71
N ARG A 153 -20.50 -51.54 -6.52
CA ARG A 153 -21.79 -51.67 -5.88
C ARG A 153 -22.86 -51.54 -6.95
N THR A 154 -23.91 -52.37 -6.87
CA THR A 154 -25.07 -52.34 -7.78
C THR A 154 -26.36 -52.57 -6.97
N GLY A 155 -27.50 -52.08 -7.48
CA GLY A 155 -28.81 -52.25 -6.88
C GLY A 155 -29.74 -51.06 -7.00
N ASP A 156 -30.09 -50.46 -5.85
CA ASP A 156 -30.95 -49.27 -5.69
C ASP A 156 -30.79 -48.69 -4.28
N SER A 166 -29.43 -54.88 -3.87
CA SER A 166 -28.14 -54.23 -3.62
C SER A 166 -27.03 -55.21 -3.25
N LYS A 167 -25.86 -55.12 -3.91
CA LYS A 167 -24.70 -56.00 -3.64
C LYS A 167 -23.35 -55.36 -3.98
N VAL A 168 -22.24 -56.08 -3.69
CA VAL A 168 -20.88 -55.65 -3.96
C VAL A 168 -20.14 -56.77 -4.73
N THR A 169 -19.62 -56.45 -5.93
CA THR A 169 -18.86 -57.39 -6.76
C THR A 169 -17.38 -57.02 -6.73
N HIS A 170 -16.51 -58.04 -6.71
CA HIS A 170 -15.07 -57.89 -6.74
C HIS A 170 -14.54 -58.53 -8.02
N VAL A 171 -13.88 -57.70 -8.85
CA VAL A 171 -13.28 -58.08 -10.12
C VAL A 171 -11.77 -58.05 -9.88
N MET A 172 -11.11 -59.20 -10.03
CA MET A 172 -9.65 -59.27 -9.86
C MET A 172 -8.95 -58.66 -11.07
N ILE A 173 -7.91 -57.83 -10.80
CA ILE A 173 -7.12 -57.17 -11.84
C ILE A 173 -5.71 -57.67 -11.66
N ARG A 174 -5.19 -58.33 -12.69
CA ARG A 174 -3.84 -58.90 -12.66
C ARG A 174 -2.86 -58.01 -13.38
N CYS A 175 -1.70 -57.83 -12.76
CA CYS A 175 -0.62 -57.07 -13.36
C CYS A 175 0.38 -58.10 -13.88
N GLN A 176 0.43 -58.26 -15.22
CA GLN A 176 1.34 -59.18 -15.89
C GLN A 176 2.17 -58.38 -16.89
N GLU A 177 3.50 -58.37 -16.69
CA GLU A 177 4.49 -57.71 -17.56
C GLU A 177 4.15 -56.25 -17.86
N LEU A 178 3.84 -55.47 -16.80
CA LEU A 178 3.54 -54.03 -16.84
C LEU A 178 2.18 -53.74 -17.51
N LYS A 179 1.36 -54.80 -17.72
CA LYS A 179 0.02 -54.71 -18.32
C LYS A 179 -1.05 -55.17 -17.35
N TYR A 180 -2.27 -54.62 -17.53
CA TYR A 180 -3.43 -54.84 -16.66
C TYR A 180 -4.57 -55.52 -17.37
N ASP A 181 -5.18 -56.54 -16.75
CA ASP A 181 -6.33 -57.24 -17.35
C ASP A 181 -7.30 -57.80 -16.29
N VAL A 182 -8.54 -58.07 -16.72
CA VAL A 182 -9.60 -58.60 -15.85
C VAL A 182 -9.76 -60.15 -15.96
N GLY A 183 -8.76 -60.82 -16.50
CA GLY A 183 -8.78 -62.28 -16.67
C GLY A 183 -8.60 -62.70 -18.09
N GLY A 184 -9.37 -62.07 -18.98
CA GLY A 184 -9.33 -62.26 -20.43
C GLY A 184 -9.49 -60.93 -21.15
N GLY A 185 -9.48 -60.99 -22.47
CA GLY A 185 -9.66 -59.82 -23.32
C GLY A 185 -8.40 -59.00 -23.49
N GLU A 186 -8.57 -57.67 -23.42
CA GLU A 186 -7.50 -56.69 -23.61
C GLU A 186 -6.60 -56.52 -22.39
N ARG A 187 -5.33 -56.22 -22.64
CA ARG A 187 -4.34 -55.93 -21.63
C ARG A 187 -4.02 -54.45 -21.76
N PHE A 188 -4.25 -53.68 -20.68
CA PHE A 188 -4.10 -52.23 -20.61
C PHE A 188 -2.75 -51.78 -20.04
N ASP A 189 -2.15 -50.70 -20.59
CA ASP A 189 -0.86 -50.15 -20.16
C ASP A 189 -0.90 -49.50 -18.76
N SER A 190 -2.10 -49.07 -18.30
CA SER A 190 -2.32 -48.47 -17.00
C SER A 190 -3.65 -48.93 -16.40
N LEU A 191 -3.82 -48.79 -15.05
CA LEU A 191 -5.07 -49.12 -14.39
C LEU A 191 -6.17 -48.17 -14.89
N THR A 192 -5.78 -46.91 -15.21
CA THR A 192 -6.66 -45.85 -15.70
C THR A 192 -7.26 -46.24 -17.03
N ASP A 193 -6.42 -46.67 -18.00
CA ASP A 193 -6.87 -47.12 -19.31
C ASP A 193 -7.83 -48.30 -19.18
N LEU A 194 -7.61 -49.18 -18.17
CA LEU A 194 -8.51 -50.29 -17.88
C LEU A 194 -9.84 -49.77 -17.32
N VAL A 195 -9.80 -48.86 -16.31
CA VAL A 195 -11.00 -48.29 -15.67
C VAL A 195 -11.87 -47.54 -16.69
N GLU A 196 -11.24 -46.68 -17.53
CA GLU A 196 -11.94 -45.92 -18.58
C GLU A 196 -12.62 -46.82 -19.63
N HIS A 197 -11.97 -47.96 -19.96
CA HIS A 197 -12.53 -48.96 -20.86
C HIS A 197 -13.78 -49.62 -20.29
N TYR A 198 -13.72 -50.08 -19.04
CA TYR A 198 -14.87 -50.75 -18.42
C TYR A 198 -15.92 -49.76 -17.88
N LYS A 199 -15.68 -48.44 -18.02
CA LYS A 199 -16.61 -47.35 -17.68
C LYS A 199 -17.56 -47.17 -18.90
N LYS A 200 -16.99 -47.23 -20.13
CA LYS A 200 -17.64 -47.09 -21.43
C LYS A 200 -18.40 -48.36 -21.80
N ASN A 201 -17.69 -49.51 -21.77
CA ASN A 201 -18.19 -50.86 -22.09
C ASN A 201 -18.23 -51.71 -20.80
N PRO A 202 -19.32 -51.61 -19.99
CA PRO A 202 -19.36 -52.35 -18.72
C PRO A 202 -19.40 -53.86 -18.82
N MET A 203 -18.71 -54.53 -17.90
CA MET A 203 -18.68 -55.98 -17.76
C MET A 203 -20.08 -56.46 -17.38
N VAL A 204 -20.57 -57.46 -18.10
CA VAL A 204 -21.88 -58.03 -17.77
C VAL A 204 -21.65 -59.40 -17.20
N GLU A 205 -22.19 -59.64 -15.99
CA GLU A 205 -22.15 -60.92 -15.30
C GLU A 205 -23.02 -61.91 -16.09
N THR A 206 -22.81 -63.21 -15.86
CA THR A 206 -23.52 -64.30 -16.53
C THR A 206 -25.06 -64.21 -16.40
N LEU A 207 -25.58 -63.84 -15.21
CA LEU A 207 -27.03 -63.80 -15.00
C LEU A 207 -27.68 -62.40 -15.17
N GLY A 208 -26.97 -61.49 -15.83
CA GLY A 208 -27.52 -60.19 -16.20
C GLY A 208 -27.09 -58.94 -15.47
N THR A 209 -26.24 -59.05 -14.44
CA THR A 209 -25.82 -57.86 -13.70
C THR A 209 -24.79 -57.09 -14.50
N VAL A 210 -25.10 -55.81 -14.79
CA VAL A 210 -24.21 -54.92 -15.54
C VAL A 210 -23.37 -54.12 -14.51
N LEU A 211 -22.04 -54.36 -14.49
CA LEU A 211 -21.13 -53.74 -13.53
C LEU A 211 -20.79 -52.31 -13.92
N GLN A 212 -21.77 -51.43 -13.75
CA GLN A 212 -21.65 -50.03 -14.10
C GLN A 212 -20.79 -49.25 -13.13
N LEU A 213 -19.75 -48.60 -13.67
CA LEU A 213 -18.79 -47.79 -12.96
C LEU A 213 -19.30 -46.35 -13.16
N LYS A 214 -20.37 -46.00 -12.44
CA LYS A 214 -21.06 -44.71 -12.59
C LYS A 214 -20.27 -43.52 -12.00
N GLN A 215 -19.81 -43.65 -10.74
CA GLN A 215 -19.06 -42.62 -10.04
C GLN A 215 -18.09 -43.24 -9.04
N PRO A 216 -16.89 -42.64 -8.80
CA PRO A 216 -16.00 -43.18 -7.76
C PRO A 216 -16.65 -43.04 -6.39
N LEU A 217 -16.30 -43.91 -5.44
CA LEU A 217 -16.84 -43.87 -4.08
C LEU A 217 -16.46 -42.57 -3.35
N ASN A 218 -17.46 -41.88 -2.79
CA ASN A 218 -17.23 -40.65 -2.06
C ASN A 218 -16.76 -40.96 -0.66
N THR A 219 -15.49 -40.62 -0.38
CA THR A 219 -14.87 -40.81 0.93
C THR A 219 -14.43 -39.45 1.51
N THR A 220 -14.61 -38.36 0.75
CA THR A 220 -14.22 -37.02 1.19
C THR A 220 -15.34 -36.35 1.96
N ARG A 221 -16.61 -36.74 1.72
CA ARG A 221 -17.76 -36.21 2.45
C ARG A 221 -17.65 -36.65 3.92
N ILE A 222 -17.54 -35.68 4.81
CA ILE A 222 -17.41 -35.90 6.24
C ILE A 222 -18.52 -35.20 7.00
N ASN A 223 -18.84 -35.75 8.16
CA ASN A 223 -19.81 -35.13 9.07
C ASN A 223 -19.04 -34.03 9.81
N ALA A 224 -19.61 -32.80 9.87
CA ALA A 224 -19.00 -31.60 10.46
C ALA A 224 -18.41 -31.81 11.83
N ALA A 225 -19.18 -32.48 12.72
CA ALA A 225 -18.76 -32.83 14.09
C ALA A 225 -17.46 -33.61 14.13
N GLU A 226 -17.17 -34.44 13.08
CA GLU A 226 -15.92 -35.25 13.01
C GLU A 226 -14.85 -34.69 12.00
N ILE A 227 -14.65 -33.35 11.99
CA ILE A 227 -13.64 -32.65 11.18
C ILE A 227 -12.26 -32.89 11.81
N GLU A 228 -12.16 -32.81 13.16
CA GLU A 228 -10.92 -32.99 13.94
C GLU A 228 -10.32 -34.39 13.69
N SER A 229 -11.18 -35.37 13.43
CA SER A 229 -10.78 -36.75 13.15
C SER A 229 -10.16 -36.82 11.75
N ARG A 230 -10.84 -36.23 10.74
CA ARG A 230 -10.39 -36.14 9.35
C ARG A 230 -9.08 -35.34 9.23
N VAL A 231 -9.01 -34.16 9.87
CA VAL A 231 -7.82 -33.32 9.82
C VAL A 231 -6.59 -34.08 10.36
N ARG A 232 -6.78 -34.84 11.44
CA ARG A 232 -5.77 -35.69 12.09
C ARG A 232 -5.20 -36.76 11.12
N GLU A 233 -6.09 -37.38 10.32
CA GLU A 233 -5.78 -38.42 9.32
C GLU A 233 -5.13 -37.84 8.06
N LEU A 234 -5.68 -36.71 7.55
CA LEU A 234 -5.16 -36.00 6.39
C LEU A 234 -3.76 -35.45 6.68
N SER A 235 -3.42 -35.29 7.98
CA SER A 235 -2.11 -34.83 8.44
C SER A 235 -1.10 -35.99 8.50
N LYS A 236 -1.58 -37.24 8.60
CA LYS A 236 -0.69 -38.42 8.60
C LYS A 236 -0.08 -38.61 7.20
N LEU A 237 1.12 -39.24 7.15
CA LEU A 237 1.86 -39.56 5.93
C LEU A 237 1.11 -40.58 5.08
N GLN A 246 1.93 -36.01 2.84
CA GLN A 246 0.73 -36.01 3.69
C GLN A 246 -0.59 -36.33 2.94
N GLY A 247 -1.60 -36.76 3.71
CA GLY A 247 -2.94 -37.07 3.20
C GLY A 247 -3.61 -35.88 2.54
N PHE A 248 -3.24 -34.65 2.99
CA PHE A 248 -3.71 -33.38 2.44
C PHE A 248 -3.19 -33.21 1.04
N TRP A 249 -1.90 -33.60 0.80
CA TRP A 249 -1.27 -33.50 -0.50
C TRP A 249 -1.97 -34.38 -1.54
N GLU A 250 -2.31 -35.63 -1.15
CA GLU A 250 -2.97 -36.59 -2.02
C GLU A 250 -4.40 -36.19 -2.37
N GLU A 251 -5.17 -35.68 -1.39
CA GLU A 251 -6.55 -35.26 -1.62
C GLU A 251 -6.57 -34.05 -2.57
N PHE A 252 -5.64 -33.10 -2.37
CA PHE A 252 -5.52 -31.91 -3.22
C PHE A 252 -5.09 -32.24 -4.64
N GLU A 253 -4.09 -33.17 -4.78
CA GLU A 253 -3.63 -33.53 -6.10
C GLU A 253 -4.66 -34.31 -6.89
N THR A 254 -5.56 -35.00 -6.20
CA THR A 254 -6.64 -35.75 -6.85
C THR A 254 -7.68 -34.74 -7.37
N LEU A 255 -7.78 -33.56 -6.73
CA LEU A 255 -8.68 -32.49 -7.11
C LEU A 255 -8.09 -31.75 -8.33
N GLN A 256 -6.78 -31.47 -8.30
CA GLN A 256 -6.09 -30.83 -9.43
C GLN A 256 -6.25 -31.64 -10.72
N GLN A 257 -6.28 -32.99 -10.61
CA GLN A 257 -6.38 -33.89 -11.74
C GLN A 257 -7.76 -33.82 -12.40
N GLN A 258 -8.73 -33.22 -11.69
CA GLN A 258 -10.11 -33.05 -12.18
C GLN A 258 -10.36 -31.67 -12.84
N GLU A 259 -9.28 -30.88 -13.00
CA GLU A 259 -9.32 -29.54 -13.58
C GLU A 259 -9.41 -29.51 -15.13
N CYS A 260 -9.15 -30.65 -15.78
CA CYS A 260 -9.18 -30.81 -17.23
C CYS A 260 -10.64 -30.92 -17.73
N LYS A 261 -11.61 -31.02 -16.80
CA LYS A 261 -13.05 -31.09 -17.02
C LYS A 261 -13.64 -29.67 -16.90
N LEU A 262 -12.77 -28.66 -16.70
CA LEU A 262 -13.22 -27.29 -16.47
C LEU A 262 -12.61 -26.28 -17.44
N LEU A 263 -12.27 -26.71 -18.67
CA LEU A 263 -11.77 -25.81 -19.71
C LEU A 263 -12.95 -25.19 -20.49
N TYR A 264 -13.82 -24.43 -19.77
CA TYR A 264 -14.96 -23.75 -20.38
C TYR A 264 -14.45 -22.57 -21.18
N SER A 265 -15.21 -22.12 -22.22
CA SER A 265 -14.73 -21.01 -23.05
C SER A 265 -14.60 -19.67 -22.28
N ARG A 266 -13.57 -18.88 -22.65
CA ARG A 266 -13.28 -17.57 -22.11
C ARG A 266 -13.00 -16.63 -23.32
N LYS A 267 -13.92 -16.67 -24.30
CA LYS A 267 -13.87 -15.92 -25.56
C LYS A 267 -13.95 -14.40 -25.35
N GLU A 268 -14.97 -13.92 -24.58
CA GLU A 268 -15.20 -12.49 -24.31
C GLU A 268 -13.99 -11.78 -23.78
N GLY A 269 -13.28 -12.46 -22.86
CA GLY A 269 -12.03 -11.97 -22.29
C GLY A 269 -10.88 -11.86 -23.26
N GLN A 270 -10.89 -12.68 -24.33
CA GLN A 270 -9.83 -12.71 -25.36
C GLN A 270 -10.02 -11.66 -26.48
N ARG A 271 -11.22 -11.04 -26.58
CA ARG A 271 -11.50 -10.00 -27.57
C ARG A 271 -10.55 -8.86 -27.38
N GLN A 272 -10.06 -8.30 -28.52
CA GLN A 272 -9.08 -7.22 -28.65
C GLN A 272 -9.48 -6.00 -27.83
N GLU A 273 -10.77 -5.65 -27.86
CA GLU A 273 -11.31 -4.52 -27.11
C GLU A 273 -11.32 -4.74 -25.57
N ASN A 274 -11.23 -6.01 -25.14
CA ASN A 274 -11.25 -6.44 -23.73
C ASN A 274 -9.90 -6.79 -23.15
N LYS A 275 -8.87 -6.95 -23.99
CA LYS A 275 -7.54 -7.36 -23.55
C LYS A 275 -6.95 -6.51 -22.45
N ASN A 276 -7.02 -5.19 -22.55
CA ASN A 276 -6.36 -4.37 -21.55
C ASN A 276 -7.23 -4.16 -20.28
N LYS A 277 -8.35 -4.92 -20.19
CA LYS A 277 -9.25 -4.90 -19.04
C LYS A 277 -8.92 -6.09 -18.14
N ASN A 278 -7.88 -6.87 -18.51
CA ASN A 278 -7.42 -8.03 -17.74
C ASN A 278 -6.08 -7.67 -17.11
N ARG A 279 -5.94 -7.95 -15.81
CA ARG A 279 -4.72 -7.71 -15.05
C ARG A 279 -3.63 -8.68 -15.55
N TYR A 280 -4.02 -9.92 -15.85
CA TYR A 280 -3.16 -10.97 -16.36
C TYR A 280 -3.90 -11.47 -17.57
N LYS A 281 -3.32 -11.23 -18.75
CA LYS A 281 -3.91 -11.56 -20.05
C LYS A 281 -4.50 -12.98 -20.21
N ASN A 282 -4.01 -13.98 -19.43
CA ASN A 282 -4.48 -15.34 -19.57
C ASN A 282 -5.35 -15.84 -18.39
N ILE A 283 -5.67 -14.95 -17.42
CA ILE A 283 -6.54 -15.30 -16.31
C ILE A 283 -7.86 -14.63 -16.67
N LEU A 284 -8.77 -15.40 -17.27
CA LEU A 284 -10.01 -14.85 -17.79
C LEU A 284 -11.27 -15.41 -17.19
N PRO A 285 -12.37 -14.63 -17.14
CA PRO A 285 -13.63 -15.17 -16.64
C PRO A 285 -14.27 -16.19 -17.62
N PHE A 286 -15.05 -17.13 -17.10
CA PHE A 286 -15.77 -18.08 -17.96
C PHE A 286 -16.90 -17.29 -18.59
N ASP A 287 -17.22 -17.55 -19.86
CA ASP A 287 -18.29 -16.82 -20.54
C ASP A 287 -19.66 -17.11 -19.95
N HIS A 288 -19.89 -18.37 -19.52
CA HIS A 288 -21.18 -18.80 -18.97
C HIS A 288 -21.53 -18.23 -17.59
N THR A 289 -20.55 -17.68 -16.82
CA THR A 289 -20.81 -17.13 -15.49
C THR A 289 -20.27 -15.71 -15.30
N ARG A 290 -19.69 -15.13 -16.35
CA ARG A 290 -19.14 -13.79 -16.27
C ARG A 290 -20.21 -12.76 -15.92
N VAL A 291 -19.78 -11.65 -15.35
CA VAL A 291 -20.69 -10.53 -15.06
C VAL A 291 -20.78 -9.70 -16.35
N VAL A 292 -22.02 -9.57 -16.89
CA VAL A 292 -22.33 -8.78 -18.08
C VAL A 292 -22.84 -7.43 -17.60
N LEU A 293 -22.16 -6.34 -17.99
CA LEU A 293 -22.54 -4.97 -17.59
C LEU A 293 -23.49 -4.39 -18.60
N HIS A 294 -24.65 -3.94 -18.14
CA HIS A 294 -25.69 -3.39 -19.01
C HIS A 294 -25.81 -1.85 -19.01
N ASP A 295 -24.98 -1.12 -18.23
CA ASP A 295 -25.05 0.36 -18.20
C ASP A 295 -24.98 0.97 -19.61
N GLY A 296 -24.02 0.49 -20.38
CA GLY A 296 -23.80 0.79 -21.78
C GLY A 296 -23.74 2.23 -22.22
N ASP A 297 -22.52 2.77 -22.27
CA ASP A 297 -22.24 4.11 -22.78
C ASP A 297 -22.60 4.03 -24.28
N PRO A 298 -23.62 4.78 -24.76
CA PRO A 298 -24.03 4.66 -26.18
C PRO A 298 -22.94 5.01 -27.20
N PRO A 301 -19.11 0.94 -27.32
CA PRO A 301 -18.97 -0.11 -28.35
C PRO A 301 -18.86 -1.51 -27.73
N VAL A 302 -18.01 -1.64 -26.70
CA VAL A 302 -17.74 -2.84 -25.93
C VAL A 302 -17.67 -2.39 -24.45
N SER A 303 -18.85 -2.24 -23.86
CA SER A 303 -19.01 -1.70 -22.51
C SER A 303 -19.55 -2.73 -21.51
N ASP A 304 -19.70 -4.01 -21.92
CA ASP A 304 -20.31 -5.07 -21.11
C ASP A 304 -19.32 -5.97 -20.38
N TYR A 305 -18.04 -5.64 -20.43
CA TYR A 305 -17.03 -6.53 -19.89
C TYR A 305 -16.31 -6.07 -18.63
N ILE A 306 -16.13 -7.07 -17.74
CA ILE A 306 -15.35 -7.02 -16.51
C ILE A 306 -14.74 -8.44 -16.25
N ASN A 307 -13.52 -8.49 -15.72
CA ASN A 307 -12.92 -9.76 -15.36
C ASN A 307 -13.48 -10.09 -13.95
N ALA A 308 -14.70 -10.66 -13.97
CA ALA A 308 -15.49 -10.97 -12.81
C ALA A 308 -16.45 -12.09 -13.16
N ASN A 309 -16.72 -12.97 -12.19
CA ASN A 309 -17.66 -14.08 -12.35
C ASN A 309 -18.64 -14.16 -11.17
N ILE A 310 -19.89 -14.59 -11.41
CA ILE A 310 -20.89 -14.88 -10.38
C ILE A 310 -20.53 -16.23 -9.76
N ILE A 311 -20.47 -16.28 -8.42
CA ILE A 311 -20.20 -17.56 -7.75
C ILE A 311 -21.44 -17.98 -6.92
N MET A 312 -22.17 -19.01 -7.39
CA MET A 312 -23.38 -19.57 -6.74
C MET A 312 -23.10 -20.87 -5.97
N PRO A 313 -23.39 -20.92 -4.65
CA PRO A 313 -23.09 -22.13 -3.85
C PRO A 313 -23.70 -23.46 -4.32
N LYS A 326 -27.20 -17.05 -0.67
CA LYS A 326 -26.13 -16.04 -0.64
C LYS A 326 -25.09 -16.29 -1.74
N SER A 327 -24.97 -15.34 -2.69
CA SER A 327 -24.05 -15.32 -3.83
C SER A 327 -22.82 -14.43 -3.62
N TYR A 328 -21.83 -14.64 -4.46
CA TYR A 328 -20.60 -13.86 -4.48
C TYR A 328 -20.31 -13.43 -5.92
N ILE A 329 -19.41 -12.49 -6.05
CA ILE A 329 -18.86 -12.10 -7.33
C ILE A 329 -17.35 -12.21 -7.09
N ALA A 330 -16.66 -13.05 -7.88
CA ALA A 330 -15.21 -13.13 -7.78
C ALA A 330 -14.57 -12.27 -8.89
N THR A 331 -13.71 -11.36 -8.47
CA THR A 331 -13.09 -10.46 -9.43
C THR A 331 -11.61 -10.20 -9.14
N GLN A 332 -10.91 -9.67 -10.16
CA GLN A 332 -9.50 -9.29 -10.10
C GLN A 332 -9.43 -7.91 -9.47
N GLY A 333 -8.24 -7.54 -8.96
CA GLY A 333 -8.02 -6.19 -8.46
C GLY A 333 -8.07 -5.21 -9.61
N CYS A 334 -8.77 -4.07 -9.42
CA CYS A 334 -8.92 -3.00 -10.40
C CYS A 334 -7.65 -2.60 -11.03
N LEU A 335 -7.78 -2.17 -12.28
CA LEU A 335 -6.73 -1.51 -13.03
C LEU A 335 -7.23 -0.05 -13.08
N GLN A 336 -6.36 0.92 -13.32
CA GLN A 336 -6.75 2.33 -13.42
C GLN A 336 -7.90 2.50 -14.45
N ASN A 337 -7.85 1.71 -15.54
CA ASN A 337 -8.84 1.74 -16.60
C ASN A 337 -10.08 0.88 -16.32
N THR A 338 -10.12 0.13 -15.18
CA THR A 338 -11.32 -0.69 -14.93
C THR A 338 -12.10 -0.24 -13.68
N VAL A 339 -11.63 0.81 -12.97
CA VAL A 339 -12.30 1.33 -11.77
C VAL A 339 -13.77 1.74 -12.06
N ASN A 340 -14.04 2.35 -13.21
CA ASN A 340 -15.41 2.76 -13.53
C ASN A 340 -16.28 1.55 -13.71
N ASP A 341 -15.75 0.51 -14.41
CA ASP A 341 -16.46 -0.75 -14.64
C ASP A 341 -16.77 -1.45 -13.35
N PHE A 342 -15.83 -1.41 -12.39
CA PHE A 342 -16.00 -1.99 -11.08
C PHE A 342 -17.24 -1.41 -10.38
N TRP A 343 -17.37 -0.08 -10.33
CA TRP A 343 -18.53 0.54 -9.69
C TRP A 343 -19.83 0.32 -10.44
N ARG A 344 -19.79 0.21 -11.78
CA ARG A 344 -20.93 -0.12 -12.62
C ARG A 344 -21.42 -1.51 -12.22
N MET A 345 -20.49 -2.47 -11.98
CA MET A 345 -20.81 -3.82 -11.53
C MET A 345 -21.47 -3.84 -10.17
N VAL A 346 -20.84 -3.19 -9.18
CA VAL A 346 -21.34 -3.12 -7.80
C VAL A 346 -22.76 -2.56 -7.74
N PHE A 347 -22.99 -1.50 -8.55
CA PHE A 347 -24.27 -0.85 -8.62
C PHE A 347 -25.36 -1.73 -9.27
N GLN A 348 -25.09 -2.32 -10.40
CA GLN A 348 -26.02 -3.14 -11.16
C GLN A 348 -26.44 -4.44 -10.40
N GLU A 349 -25.53 -4.93 -9.58
CA GLU A 349 -25.70 -6.17 -8.87
C GLU A 349 -26.28 -5.97 -7.50
N ASN A 350 -26.45 -4.71 -7.06
CA ASN A 350 -27.04 -4.36 -5.77
C ASN A 350 -26.21 -4.89 -4.56
N SER A 351 -24.93 -5.19 -4.79
CA SER A 351 -23.93 -5.58 -3.80
C SER A 351 -23.77 -4.44 -2.80
N ARG A 352 -23.75 -4.80 -1.52
CA ARG A 352 -23.63 -3.87 -0.42
C ARG A 352 -22.39 -4.15 0.39
N VAL A 353 -21.65 -5.18 0.00
CA VAL A 353 -20.47 -5.65 0.73
C VAL A 353 -19.37 -6.06 -0.29
N ILE A 354 -18.17 -5.51 -0.08
CA ILE A 354 -16.96 -5.76 -0.84
C ILE A 354 -15.92 -6.28 0.14
N VAL A 355 -15.25 -7.36 -0.24
CA VAL A 355 -14.17 -7.99 0.51
C VAL A 355 -12.87 -7.84 -0.33
N MET A 356 -11.95 -6.98 0.16
CA MET A 356 -10.63 -6.80 -0.43
C MET A 356 -9.66 -7.68 0.39
N THR A 357 -8.98 -8.63 -0.23
CA THR A 357 -8.08 -9.53 0.54
C THR A 357 -6.63 -9.31 0.22
N THR A 358 -6.31 -8.12 -0.21
CA THR A 358 -4.97 -7.76 -0.56
C THR A 358 -4.70 -6.32 -0.16
N LYS A 359 -3.42 -5.97 0.04
CA LYS A 359 -3.01 -4.57 0.20
C LYS A 359 -2.94 -4.06 -1.24
N GLU A 360 -3.02 -2.75 -1.47
CA GLU A 360 -2.90 -2.19 -2.82
C GLU A 360 -1.59 -2.60 -3.50
N VAL A 361 -0.49 -2.60 -2.71
CA VAL A 361 0.87 -2.85 -3.15
C VAL A 361 1.49 -3.95 -2.30
N GLU A 362 2.01 -5.00 -2.96
CA GLU A 362 2.68 -6.11 -2.27
C GLU A 362 3.96 -6.38 -3.00
N ARG A 363 5.09 -6.47 -2.26
CA ARG A 363 6.44 -6.73 -2.79
C ARG A 363 6.84 -5.72 -3.87
N GLY A 364 6.40 -4.47 -3.68
CA GLY A 364 6.64 -3.37 -4.60
C GLY A 364 5.84 -3.46 -5.88
N LYS A 365 4.90 -4.41 -5.94
CA LYS A 365 4.05 -4.61 -7.13
C LYS A 365 2.61 -4.17 -6.88
N SER A 366 2.03 -3.43 -7.83
CA SER A 366 0.63 -3.00 -7.75
C SER A 366 -0.27 -4.25 -7.85
N LYS A 367 -1.09 -4.50 -6.82
CA LYS A 367 -1.99 -5.67 -6.74
C LYS A 367 -3.46 -5.33 -7.08
N CYS A 368 -3.87 -4.08 -6.79
CA CYS A 368 -5.20 -3.54 -6.99
C CYS A 368 -5.05 -2.02 -6.90
N VAL A 369 -5.67 -1.26 -7.80
CA VAL A 369 -5.59 0.19 -7.63
C VAL A 369 -6.59 0.67 -6.55
N LYS A 370 -6.39 1.88 -6.01
CA LYS A 370 -7.30 2.42 -5.01
C LYS A 370 -8.54 2.91 -5.78
N TYR A 371 -9.67 2.22 -5.60
CA TYR A 371 -10.93 2.52 -6.31
C TYR A 371 -11.91 3.28 -5.43
N TRP A 372 -11.49 3.63 -4.22
CA TRP A 372 -12.36 4.32 -3.27
C TRP A 372 -11.75 5.68 -2.91
N PRO A 373 -12.60 6.68 -2.50
CA PRO A 373 -12.04 7.99 -2.08
C PRO A 373 -11.36 7.90 -0.71
N ASP A 374 -10.65 8.97 -0.36
CA ASP A 374 -10.06 9.18 0.96
C ASP A 374 -11.24 9.42 1.92
N GLU A 375 -11.07 9.08 3.19
CA GLU A 375 -12.07 9.30 4.23
C GLU A 375 -12.61 10.72 4.19
N TYR A 376 -13.97 10.84 4.21
CA TYR A 376 -14.79 12.05 4.13
C TYR A 376 -14.84 12.66 2.71
N ALA A 377 -14.00 12.18 1.80
CA ALA A 377 -13.98 12.70 0.43
C ALA A 377 -15.07 12.05 -0.44
N LEU A 378 -15.44 12.75 -1.51
CA LEU A 378 -16.43 12.37 -2.48
C LEU A 378 -15.72 12.36 -3.84
N LYS A 379 -15.98 11.33 -4.67
CA LYS A 379 -15.37 11.20 -5.97
C LYS A 379 -16.36 10.62 -6.98
N GLU A 380 -16.17 10.95 -8.25
CA GLU A 380 -16.95 10.45 -9.37
C GLU A 380 -16.08 9.50 -10.20
N TYR A 381 -16.62 8.31 -10.51
CA TYR A 381 -16.00 7.26 -11.30
C TYR A 381 -16.97 7.03 -12.44
N GLY A 382 -16.92 7.92 -13.42
CA GLY A 382 -17.82 7.93 -14.56
C GLY A 382 -19.20 8.37 -14.11
N VAL A 383 -20.21 7.59 -14.44
CA VAL A 383 -21.60 7.89 -14.08
C VAL A 383 -21.91 7.61 -12.56
N MET A 384 -20.94 7.04 -11.81
CA MET A 384 -21.09 6.61 -10.44
C MET A 384 -20.38 7.56 -9.51
N ARG A 385 -20.96 7.78 -8.33
CA ARG A 385 -20.42 8.67 -7.33
C ARG A 385 -20.22 7.91 -6.04
N VAL A 386 -19.03 8.05 -5.46
CA VAL A 386 -18.72 7.42 -4.21
C VAL A 386 -18.25 8.42 -3.16
N ARG A 387 -18.85 8.36 -1.97
CA ARG A 387 -18.41 9.12 -0.83
C ARG A 387 -17.85 8.11 0.18
N ASN A 388 -16.72 8.43 0.83
CA ASN A 388 -16.16 7.60 1.89
C ASN A 388 -16.64 8.28 3.16
N VAL A 389 -17.67 7.73 3.82
CA VAL A 389 -18.29 8.30 5.02
C VAL A 389 -17.40 8.13 6.27
N LYS A 390 -16.97 6.89 6.55
CA LYS A 390 -16.17 6.57 7.72
C LYS A 390 -15.22 5.39 7.48
N GLU A 391 -14.00 5.46 8.05
CA GLU A 391 -13.01 4.36 8.02
C GLU A 391 -12.78 3.94 9.46
N SER A 392 -12.90 2.63 9.72
CA SER A 392 -12.73 2.05 11.04
C SER A 392 -11.71 0.93 10.98
N ALA A 393 -10.62 1.08 11.71
CA ALA A 393 -9.55 0.09 11.74
C ALA A 393 -9.75 -0.90 12.90
N ALA A 394 -9.49 -2.16 12.62
CA ALA A 394 -9.54 -3.29 13.55
C ALA A 394 -8.14 -3.89 13.43
N HIS A 395 -7.80 -4.94 14.21
CA HIS A 395 -6.42 -5.46 14.08
C HIS A 395 -6.11 -6.02 12.68
N ASP A 396 -6.95 -6.92 12.16
CA ASP A 396 -6.69 -7.59 10.89
C ASP A 396 -7.24 -6.92 9.66
N TYR A 397 -8.08 -5.86 9.83
CA TYR A 397 -8.75 -5.24 8.70
C TYR A 397 -9.20 -3.80 8.92
N THR A 398 -9.62 -3.17 7.83
CA THR A 398 -10.21 -1.84 7.85
C THR A 398 -11.61 -2.01 7.30
N LEU A 399 -12.56 -1.25 7.82
CA LEU A 399 -13.90 -1.23 7.30
C LEU A 399 -14.12 0.17 6.77
N ARG A 400 -14.60 0.31 5.54
CA ARG A 400 -14.93 1.61 4.95
C ARG A 400 -16.41 1.66 4.63
N GLU A 401 -17.07 2.70 5.14
CA GLU A 401 -18.48 2.95 4.87
C GLU A 401 -18.54 3.84 3.64
N LEU A 402 -18.95 3.29 2.51
CA LEU A 402 -19.05 4.03 1.25
C LEU A 402 -20.50 4.23 0.86
N LYS A 403 -20.80 5.37 0.24
CA LYS A 403 -22.16 5.62 -0.23
C LYS A 403 -22.03 5.71 -1.72
N LEU A 404 -22.81 4.92 -2.44
CA LEU A 404 -22.76 4.83 -3.88
C LEU A 404 -24.09 5.24 -4.47
N SER A 405 -24.01 5.98 -5.57
CA SER A 405 -25.20 6.47 -6.26
C SER A 405 -24.85 6.71 -7.69
N LYS A 406 -25.86 6.84 -8.53
CA LYS A 406 -25.61 7.17 -9.91
C LYS A 406 -25.74 8.69 -9.99
N VAL A 407 -24.85 9.34 -10.71
CA VAL A 407 -24.86 10.77 -10.93
C VAL A 407 -26.23 11.19 -11.62
N GLY A 408 -26.82 12.29 -11.12
CA GLY A 408 -28.11 12.79 -11.60
C GLY A 408 -29.33 12.00 -11.15
N GLN A 409 -29.19 11.16 -10.08
CA GLN A 409 -30.27 10.32 -9.52
C GLN A 409 -30.04 10.00 -8.02
N GLY A 410 -30.40 10.95 -7.16
CA GLY A 410 -30.24 10.86 -5.71
C GLY A 410 -30.85 9.66 -5.00
N ASN A 411 -32.03 9.19 -5.47
CA ASN A 411 -32.73 8.07 -4.86
C ASN A 411 -32.08 6.68 -5.12
N THR A 412 -30.96 6.64 -5.87
CA THR A 412 -30.22 5.41 -6.17
C THR A 412 -29.21 5.15 -5.08
N GLU A 413 -29.04 6.08 -4.14
CA GLU A 413 -28.04 5.97 -3.07
C GLU A 413 -28.22 4.71 -2.19
N ARG A 414 -27.10 4.03 -1.91
CA ARG A 414 -27.03 2.87 -1.06
C ARG A 414 -25.67 2.80 -0.39
N THR A 415 -25.63 2.24 0.84
CA THR A 415 -24.38 2.09 1.58
C THR A 415 -23.72 0.80 1.14
N VAL A 416 -22.40 0.87 0.91
CA VAL A 416 -21.56 -0.25 0.49
C VAL A 416 -20.46 -0.33 1.52
N TRP A 417 -20.32 -1.49 2.11
CA TRP A 417 -19.36 -1.75 3.16
C TRP A 417 -18.15 -2.45 2.54
N GLN A 418 -16.99 -1.85 2.74
CA GLN A 418 -15.76 -2.37 2.19
C GLN A 418 -14.93 -2.91 3.28
N TYR A 419 -14.75 -4.20 3.24
CA TYR A 419 -13.98 -4.95 4.22
C TYR A 419 -12.62 -5.24 3.66
N HIS A 420 -11.68 -4.49 4.14
CA HIS A 420 -10.34 -4.61 3.63
C HIS A 420 -9.46 -5.42 4.61
N PHE A 421 -9.17 -6.68 4.29
CA PHE A 421 -8.29 -7.55 5.08
C PHE A 421 -6.88 -7.19 4.77
N ARG A 422 -6.11 -6.83 5.80
CA ARG A 422 -4.76 -6.30 5.61
C ARG A 422 -3.61 -7.19 6.04
N THR A 423 -3.86 -8.25 6.81
CA THR A 423 -2.78 -9.04 7.38
C THR A 423 -2.55 -10.42 6.74
N TRP A 424 -2.94 -10.62 5.46
CA TRP A 424 -2.65 -11.88 4.80
C TRP A 424 -1.15 -11.84 4.34
N PRO A 425 -0.32 -12.88 4.61
CA PRO A 425 1.10 -12.80 4.20
C PRO A 425 1.31 -12.65 2.69
N ASP A 426 2.46 -12.12 2.28
CA ASP A 426 2.78 -11.97 0.86
C ASP A 426 2.86 -13.35 0.16
N HIS A 427 3.31 -14.39 0.89
CA HIS A 427 3.40 -15.76 0.39
C HIS A 427 2.72 -16.70 1.38
N GLY A 428 2.06 -17.72 0.85
CA GLY A 428 1.40 -18.71 1.69
C GLY A 428 0.15 -18.21 2.38
N VAL A 429 -0.13 -18.75 3.57
CA VAL A 429 -1.37 -18.44 4.29
C VAL A 429 -1.14 -17.99 5.72
N PRO A 430 -2.12 -17.37 6.43
CA PRO A 430 -1.90 -17.09 7.85
C PRO A 430 -1.68 -18.42 8.62
N SER A 431 -0.84 -18.39 9.68
CA SER A 431 -0.57 -19.61 10.46
C SER A 431 -1.72 -19.99 11.39
N ASP A 432 -2.62 -19.04 11.71
CA ASP A 432 -3.80 -19.28 12.55
C ASP A 432 -5.08 -18.73 11.83
N PRO A 433 -6.20 -19.52 11.72
CA PRO A 433 -7.36 -19.01 10.97
C PRO A 433 -8.33 -18.07 11.74
N GLY A 434 -8.06 -17.80 13.02
CA GLY A 434 -8.85 -16.93 13.88
C GLY A 434 -9.28 -15.62 13.25
N GLY A 435 -8.29 -14.82 12.83
CA GLY A 435 -8.44 -13.52 12.18
C GLY A 435 -9.31 -13.52 10.93
N VAL A 436 -9.09 -14.52 10.05
CA VAL A 436 -9.88 -14.71 8.81
C VAL A 436 -11.32 -15.01 9.19
N LEU A 437 -11.51 -15.90 10.20
CA LEU A 437 -12.80 -16.35 10.74
C LEU A 437 -13.60 -15.24 11.39
N ASP A 438 -12.95 -14.33 12.16
CA ASP A 438 -13.61 -13.21 12.82
C ASP A 438 -14.11 -12.25 11.76
N PHE A 439 -13.23 -11.93 10.79
CA PHE A 439 -13.47 -11.08 9.63
C PHE A 439 -14.69 -11.62 8.82
N LEU A 440 -14.70 -12.92 8.51
CA LEU A 440 -15.78 -13.57 7.75
C LEU A 440 -17.12 -13.48 8.51
N GLU A 441 -17.07 -13.75 9.84
CA GLU A 441 -18.22 -13.65 10.73
C GLU A 441 -18.82 -12.23 10.68
N GLU A 442 -17.96 -11.21 10.65
CA GLU A 442 -18.36 -9.79 10.56
C GLU A 442 -18.96 -9.41 9.16
N VAL A 443 -18.37 -9.94 8.06
CA VAL A 443 -18.84 -9.74 6.68
C VAL A 443 -20.20 -10.36 6.54
N HIS A 444 -20.36 -11.58 7.07
CA HIS A 444 -21.62 -12.32 7.03
C HIS A 444 -22.79 -11.56 7.75
N HIS A 445 -22.54 -11.04 8.97
CA HIS A 445 -23.55 -10.31 9.75
C HIS A 445 -24.01 -9.06 9.06
N LYS A 446 -23.06 -8.30 8.45
CA LYS A 446 -23.34 -7.12 7.66
C LYS A 446 -24.24 -7.47 6.48
N GLN A 447 -23.88 -8.50 5.72
CA GLN A 447 -24.66 -8.97 4.59
C GLN A 447 -26.08 -9.49 5.00
N GLU A 448 -26.18 -10.24 6.11
CA GLU A 448 -27.47 -10.72 6.63
C GLU A 448 -28.38 -9.58 7.12
N SER A 449 -27.82 -8.50 7.67
CA SER A 449 -28.55 -7.32 8.17
C SER A 449 -29.16 -6.45 7.05
N ILE A 450 -28.66 -6.55 5.81
CA ILE A 450 -29.19 -5.77 4.67
C ILE A 450 -30.17 -6.60 3.83
N MET A 451 -31.42 -6.11 3.73
CA MET A 451 -32.50 -6.74 2.98
C MET A 451 -32.29 -6.49 1.47
N ASP A 452 -32.40 -7.57 0.66
CA ASP A 452 -32.24 -7.57 -0.80
C ASP A 452 -30.81 -7.15 -1.23
N ALA A 453 -29.81 -7.52 -0.43
CA ALA A 453 -28.42 -7.22 -0.77
C ALA A 453 -28.06 -8.18 -1.90
N GLY A 454 -27.41 -7.67 -2.93
CA GLY A 454 -26.95 -8.47 -4.03
C GLY A 454 -25.72 -9.27 -3.63
N PRO A 455 -25.03 -9.94 -4.57
CA PRO A 455 -23.92 -10.80 -4.16
C PRO A 455 -22.79 -10.05 -3.47
N VAL A 456 -21.98 -10.73 -2.65
CA VAL A 456 -20.83 -10.14 -1.95
C VAL A 456 -19.71 -10.08 -2.99
N VAL A 457 -19.09 -8.89 -3.20
CA VAL A 457 -17.97 -8.76 -4.14
C VAL A 457 -16.69 -9.16 -3.36
N VAL A 458 -15.87 -10.10 -3.89
CA VAL A 458 -14.63 -10.57 -3.29
C VAL A 458 -13.50 -10.40 -4.36
N HIS A 459 -12.37 -9.77 -3.98
CA HIS A 459 -11.24 -9.60 -4.88
C HIS A 459 -9.91 -9.65 -4.16
N CYS A 460 -8.84 -9.96 -4.92
CA CYS A 460 -7.47 -9.94 -4.53
C CYS A 460 -6.65 -9.38 -5.71
N SER A 461 -5.75 -10.14 -6.32
CA SER A 461 -4.93 -9.66 -7.45
C SER A 461 -5.53 -10.20 -8.77
N ALA A 462 -5.39 -11.52 -9.01
CA ALA A 462 -5.97 -12.20 -10.19
C ALA A 462 -7.44 -12.63 -9.87
N GLY A 463 -7.81 -12.62 -8.60
CA GLY A 463 -9.14 -12.97 -8.13
C GLY A 463 -9.45 -14.45 -8.13
N ILE A 464 -8.44 -15.29 -7.93
CA ILE A 464 -8.64 -16.75 -7.97
C ILE A 464 -8.12 -17.47 -6.74
N GLY A 465 -7.00 -17.03 -6.18
CA GLY A 465 -6.37 -17.72 -5.04
C GLY A 465 -6.95 -17.44 -3.68
N ARG A 466 -6.65 -16.26 -3.13
CA ARG A 466 -7.15 -15.79 -1.83
C ARG A 466 -8.66 -15.64 -1.88
N THR A 467 -9.17 -15.12 -3.00
CA THR A 467 -10.59 -14.93 -3.35
C THR A 467 -11.34 -16.25 -3.21
N GLY A 468 -10.83 -17.31 -3.86
CA GLY A 468 -11.40 -18.64 -3.84
C GLY A 468 -11.40 -19.22 -2.46
N THR A 469 -10.28 -19.01 -1.74
CA THR A 469 -10.09 -19.42 -0.34
C THR A 469 -11.16 -18.76 0.55
N PHE A 470 -11.36 -17.46 0.45
CA PHE A 470 -12.39 -16.75 1.25
C PHE A 470 -13.81 -17.23 0.95
N ILE A 471 -14.17 -17.42 -0.35
CA ILE A 471 -15.50 -17.87 -0.77
C ILE A 471 -15.80 -19.31 -0.30
N VAL A 472 -14.84 -20.26 -0.42
CA VAL A 472 -15.04 -21.66 -0.03
C VAL A 472 -15.22 -21.78 1.49
N ILE A 473 -14.40 -21.09 2.30
CA ILE A 473 -14.54 -21.10 3.77
C ILE A 473 -15.90 -20.54 4.09
N ASP A 474 -16.28 -19.45 3.42
CA ASP A 474 -17.56 -18.81 3.63
C ASP A 474 -18.73 -19.68 3.24
N ILE A 475 -18.60 -20.49 2.18
CA ILE A 475 -19.65 -21.44 1.74
C ILE A 475 -19.78 -22.57 2.77
N LEU A 476 -18.66 -23.14 3.16
CA LEU A 476 -18.57 -24.21 4.13
C LEU A 476 -19.12 -23.84 5.51
N ILE A 477 -18.78 -22.63 5.99
CA ILE A 477 -19.22 -22.16 7.30
C ILE A 477 -20.71 -21.79 7.30
N ASP A 478 -21.27 -21.49 6.12
CA ASP A 478 -22.68 -21.16 5.91
C ASP A 478 -23.54 -22.42 6.10
N ILE A 479 -23.04 -23.59 5.66
CA ILE A 479 -23.71 -24.89 5.80
C ILE A 479 -23.83 -25.20 7.31
N ILE A 480 -22.72 -24.99 8.07
CA ILE A 480 -22.62 -25.22 9.50
C ILE A 480 -23.42 -24.16 10.31
N ARG A 481 -23.91 -23.08 9.67
CA ARG A 481 -24.74 -22.05 10.30
C ARG A 481 -26.20 -22.49 10.33
N GLU A 482 -26.76 -22.88 9.17
CA GLU A 482 -28.14 -23.27 9.04
C GLU A 482 -28.45 -24.68 9.56
N LYS A 483 -27.56 -25.66 9.28
CA LYS A 483 -27.73 -27.06 9.64
C LYS A 483 -26.98 -27.50 10.91
N GLY A 484 -26.17 -26.64 11.50
CA GLY A 484 -25.40 -26.95 12.71
C GLY A 484 -24.31 -28.01 12.54
N VAL A 485 -23.79 -28.52 13.68
CA VAL A 485 -22.72 -29.52 13.75
C VAL A 485 -23.07 -30.90 13.12
N ASP A 486 -24.36 -31.28 13.04
CA ASP A 486 -24.79 -32.55 12.45
C ASP A 486 -25.17 -32.34 10.99
N CYS A 487 -24.14 -32.09 10.16
CA CYS A 487 -24.27 -31.84 8.73
C CYS A 487 -23.09 -32.36 7.93
N ASP A 488 -23.29 -32.59 6.64
CA ASP A 488 -22.26 -33.09 5.75
C ASP A 488 -21.55 -31.97 4.99
N ILE A 489 -20.23 -31.97 5.13
CA ILE A 489 -19.33 -31.06 4.47
C ILE A 489 -18.37 -31.89 3.59
N ASP A 490 -18.17 -31.44 2.34
CA ASP A 490 -17.28 -32.07 1.36
C ASP A 490 -16.41 -30.97 0.71
N VAL A 491 -15.21 -30.71 1.30
CA VAL A 491 -14.27 -29.66 0.87
C VAL A 491 -13.95 -29.73 -0.65
N PRO A 492 -13.42 -30.87 -1.22
CA PRO A 492 -13.10 -30.90 -2.66
C PRO A 492 -14.32 -30.75 -3.56
N LYS A 493 -15.48 -31.33 -3.15
CA LYS A 493 -16.69 -31.21 -3.94
C LYS A 493 -17.10 -29.75 -4.04
N THR A 494 -16.87 -28.97 -2.98
CA THR A 494 -17.19 -27.55 -2.86
C THR A 494 -16.24 -26.72 -3.72
N ILE A 495 -14.93 -26.98 -3.62
CA ILE A 495 -13.93 -26.34 -4.45
C ILE A 495 -14.21 -26.57 -5.95
N GLN A 496 -14.42 -27.83 -6.37
CA GLN A 496 -14.74 -28.20 -7.77
C GLN A 496 -15.94 -27.46 -8.30
N MET A 497 -16.98 -27.33 -7.50
CA MET A 497 -18.19 -26.59 -7.79
C MET A 497 -17.90 -25.04 -7.99
N VAL A 498 -16.94 -24.50 -7.23
CA VAL A 498 -16.61 -23.09 -7.33
C VAL A 498 -15.67 -22.83 -8.58
N ARG A 499 -14.81 -23.83 -8.88
CA ARG A 499 -13.91 -23.87 -10.03
C ARG A 499 -14.63 -24.00 -11.40
N SER A 500 -15.91 -24.39 -11.43
CA SER A 500 -16.64 -24.50 -12.69
CA SER A 500 -16.72 -24.52 -12.65
C SER A 500 -17.22 -23.14 -12.99
N GLN A 501 -17.20 -22.26 -11.98
CA GLN A 501 -17.73 -20.91 -12.12
C GLN A 501 -16.64 -19.84 -12.37
N ARG A 502 -15.37 -20.13 -12.00
CA ARG A 502 -14.20 -19.29 -12.22
C ARG A 502 -12.98 -20.17 -12.18
N SER A 503 -12.07 -20.01 -13.14
CA SER A 503 -10.86 -20.81 -13.27
C SER A 503 -9.95 -20.73 -12.07
N GLY A 504 -9.45 -21.89 -11.65
CA GLY A 504 -8.47 -22.02 -10.58
C GLY A 504 -8.75 -21.39 -9.24
N MET A 505 -10.01 -21.36 -8.84
CA MET A 505 -10.39 -20.91 -7.51
C MET A 505 -9.76 -21.88 -6.50
N VAL A 506 -9.01 -21.35 -5.49
CA VAL A 506 -8.20 -22.09 -4.51
C VAL A 506 -7.01 -22.56 -5.32
N GLN A 507 -5.88 -21.86 -5.16
CA GLN A 507 -4.65 -22.08 -5.93
C GLN A 507 -3.68 -23.12 -5.38
N THR A 508 -3.40 -23.09 -4.09
CA THR A 508 -2.36 -23.99 -3.56
C THR A 508 -2.85 -25.00 -2.56
N GLU A 509 -1.97 -25.95 -2.23
CA GLU A 509 -2.21 -27.00 -1.23
C GLU A 509 -2.31 -26.36 0.17
N ALA A 510 -1.52 -25.28 0.41
CA ALA A 510 -1.51 -24.54 1.65
C ALA A 510 -2.86 -23.87 1.90
N GLN A 511 -3.51 -23.34 0.86
CA GLN A 511 -4.83 -22.72 0.95
C GLN A 511 -5.85 -23.80 1.26
N TYR A 512 -5.69 -24.97 0.65
CA TYR A 512 -6.54 -26.16 0.82
C TYR A 512 -6.54 -26.66 2.27
N ARG A 513 -5.35 -26.70 2.87
CA ARG A 513 -5.14 -27.11 4.24
C ARG A 513 -5.70 -25.99 5.17
N PHE A 514 -5.61 -24.72 4.73
CA PHE A 514 -6.09 -23.55 5.48
C PHE A 514 -7.64 -23.59 5.57
N ILE A 515 -8.31 -24.05 4.49
CA ILE A 515 -9.75 -24.20 4.44
C ILE A 515 -10.22 -25.17 5.53
N TYR A 516 -9.57 -26.36 5.63
CA TYR A 516 -9.81 -27.37 6.65
C TYR A 516 -9.57 -26.86 8.06
N MET A 517 -8.42 -26.15 8.27
CA MET A 517 -8.04 -25.55 9.54
CA MET A 517 -7.98 -25.51 9.52
C MET A 517 -9.06 -24.50 9.98
N ALA A 518 -9.61 -23.72 9.03
CA ALA A 518 -10.59 -22.68 9.34
C ALA A 518 -11.96 -23.26 9.77
N VAL A 519 -12.43 -24.27 9.03
CA VAL A 519 -13.65 -25.01 9.28
C VAL A 519 -13.53 -25.69 10.69
N GLN A 520 -12.38 -26.36 10.95
CA GLN A 520 -12.05 -27.00 12.23
C GLN A 520 -12.16 -26.00 13.40
N HIS A 521 -11.51 -24.85 13.28
CA HIS A 521 -11.51 -23.79 14.26
C HIS A 521 -12.94 -23.24 14.50
N TYR A 522 -13.75 -23.14 13.45
CA TYR A 522 -15.14 -22.65 13.58
C TYR A 522 -16.03 -23.58 14.41
N ILE A 523 -15.89 -24.92 14.18
CA ILE A 523 -16.62 -26.00 14.84
C ILE A 523 -16.17 -26.18 16.30
N GLU A 524 -14.87 -25.93 16.59
CA GLU A 524 -14.25 -26.01 17.92
C GLU A 524 -14.56 -24.79 18.80
N THR A 525 -14.87 -23.62 18.18
CA THR A 525 -15.17 -22.37 18.89
C THR A 525 -16.68 -22.12 18.98
N LEU A 526 -17.50 -23.13 18.64
CA LEU A 526 -18.95 -22.99 18.69
C LEU A 526 -19.49 -23.11 20.12
N ARG B 5 7.29 38.84 13.90
CA ARG B 5 6.19 38.29 13.10
C ARG B 5 4.77 38.60 13.67
N ARG B 6 4.62 39.70 14.41
CA ARG B 6 3.33 40.10 15.02
C ARG B 6 2.18 40.44 14.01
N TRP B 7 2.54 40.66 12.72
CA TRP B 7 1.60 40.99 11.64
C TRP B 7 0.71 39.80 11.27
N PHE B 8 1.08 38.55 11.67
CA PHE B 8 0.26 37.39 11.36
C PHE B 8 -0.77 37.20 12.47
N HIS B 9 -2.06 37.17 12.11
CA HIS B 9 -3.18 37.01 13.06
C HIS B 9 -3.83 35.66 12.82
N PRO B 10 -3.60 34.68 13.73
CA PRO B 10 -4.10 33.31 13.47
C PRO B 10 -5.61 33.07 13.54
N ASN B 11 -6.33 33.87 14.35
CA ASN B 11 -7.75 33.66 14.62
C ASN B 11 -8.67 34.79 14.15
N ILE B 12 -8.28 35.51 13.10
CA ILE B 12 -9.07 36.63 12.63
C ILE B 12 -9.81 36.28 11.31
N THR B 13 -10.98 36.89 11.11
CA THR B 13 -11.79 36.73 9.90
C THR B 13 -11.47 37.91 8.94
N GLY B 14 -12.03 37.86 7.74
CA GLY B 14 -11.87 38.91 6.74
C GLY B 14 -12.50 40.22 7.19
N VAL B 15 -13.67 40.09 7.85
CA VAL B 15 -14.41 41.23 8.39
C VAL B 15 -13.66 41.82 9.60
N GLU B 16 -13.22 40.96 10.54
CA GLU B 16 -12.44 41.37 11.71
C GLU B 16 -11.15 42.10 11.32
N ALA B 17 -10.44 41.62 10.27
CA ALA B 17 -9.20 42.24 9.77
C ALA B 17 -9.46 43.57 9.07
N GLU B 18 -10.50 43.65 8.24
CA GLU B 18 -10.90 44.87 7.52
C GLU B 18 -11.15 46.01 8.53
N ASN B 19 -12.04 45.75 9.52
CA ASN B 19 -12.44 46.64 10.61
CA ASN B 19 -12.42 46.70 10.55
C ASN B 19 -11.22 47.05 11.44
N LEU B 20 -10.27 46.11 11.64
CA LEU B 20 -9.06 46.35 12.44
C LEU B 20 -8.12 47.31 11.68
N LEU B 21 -7.97 47.11 10.37
CA LEU B 21 -7.14 47.91 9.47
C LEU B 21 -7.68 49.34 9.33
N LEU B 22 -9.02 49.49 9.29
CA LEU B 22 -9.72 50.77 9.13
C LEU B 22 -9.79 51.59 10.40
N THR B 23 -9.90 50.92 11.55
CA THR B 23 -9.93 51.62 12.85
C THR B 23 -8.51 51.80 13.42
N ARG B 24 -7.82 50.70 13.70
CA ARG B 24 -6.50 50.67 14.36
C ARG B 24 -5.30 50.95 13.46
N GLY B 25 -5.52 51.09 12.15
CA GLY B 25 -4.43 51.31 11.20
C GLY B 25 -4.53 52.52 10.29
N VAL B 26 -3.52 52.67 9.43
CA VAL B 26 -3.37 53.76 8.45
C VAL B 26 -3.10 53.22 7.02
N ASP B 27 -2.94 54.10 6.02
CA ASP B 27 -2.64 53.69 4.66
C ASP B 27 -1.21 53.12 4.65
N GLY B 28 -1.07 51.93 4.08
CA GLY B 28 0.20 51.23 4.08
C GLY B 28 0.23 50.19 5.19
N SER B 29 -0.78 50.19 6.10
CA SER B 29 -0.90 49.17 7.15
C SER B 29 -1.31 47.81 6.60
N PHE B 30 -0.75 46.74 7.15
CA PHE B 30 -1.07 45.40 6.66
C PHE B 30 -1.02 44.34 7.75
N LEU B 31 -1.60 43.18 7.43
CA LEU B 31 -1.58 41.98 8.24
C LEU B 31 -1.73 40.73 7.36
N ALA B 32 -1.36 39.56 7.89
CA ALA B 32 -1.52 38.29 7.19
C ALA B 32 -2.29 37.40 8.14
N ARG B 33 -3.21 36.64 7.59
CA ARG B 33 -4.13 35.82 8.35
C ARG B 33 -4.47 34.54 7.57
N PRO B 34 -4.95 33.45 8.21
CA PRO B 34 -5.33 32.26 7.44
C PRO B 34 -6.56 32.59 6.60
N SER B 35 -6.68 31.93 5.46
CA SER B 35 -7.88 32.06 4.63
C SER B 35 -9.00 31.22 5.31
N LYS B 36 -10.20 31.78 5.43
CA LYS B 36 -11.37 31.09 6.03
C LYS B 36 -12.19 30.37 4.95
N SER B 37 -12.26 30.96 3.73
CA SER B 37 -12.96 30.42 2.58
C SER B 37 -12.21 29.18 2.04
N ASN B 38 -10.86 29.28 1.84
CA ASN B 38 -10.03 28.17 1.37
C ASN B 38 -8.98 27.74 2.40
N PRO B 39 -9.38 26.87 3.36
CA PRO B 39 -8.44 26.44 4.42
C PRO B 39 -7.15 25.81 3.88
N GLY B 40 -6.02 26.33 4.39
CA GLY B 40 -4.69 25.97 3.96
C GLY B 40 -3.99 27.14 3.28
N ASP B 41 -4.78 28.03 2.66
CA ASP B 41 -4.27 29.22 2.00
C ASP B 41 -4.21 30.36 3.01
N PHE B 42 -3.69 31.52 2.61
CA PHE B 42 -3.54 32.67 3.48
C PHE B 42 -3.96 33.90 2.73
N THR B 43 -4.21 34.97 3.47
CA THR B 43 -4.59 36.26 2.92
C THR B 43 -3.69 37.35 3.50
N LEU B 44 -3.30 38.29 2.64
CA LEU B 44 -2.53 39.47 2.92
C LEU B 44 -3.55 40.60 2.83
N SER B 45 -3.97 41.15 3.98
CA SER B 45 -4.94 42.25 4.00
C SER B 45 -4.16 43.56 4.18
N VAL B 46 -4.29 44.45 3.20
CA VAL B 46 -3.57 45.72 3.07
C VAL B 46 -4.53 46.88 3.03
N ARG B 47 -4.22 47.95 3.79
CA ARG B 47 -5.00 49.17 3.75
C ARG B 47 -4.34 50.13 2.77
N ARG B 48 -5.08 50.52 1.72
CA ARG B 48 -4.64 51.44 0.66
C ARG B 48 -5.78 52.39 0.32
N ASN B 49 -5.46 53.67 0.06
CA ASN B 49 -6.39 54.74 -0.30
C ASN B 49 -7.73 54.66 0.47
N GLY B 50 -7.63 54.50 1.80
CA GLY B 50 -8.77 54.40 2.71
C GLY B 50 -9.61 53.13 2.64
N ALA B 51 -9.22 52.16 1.79
CA ALA B 51 -9.93 50.88 1.61
C ALA B 51 -9.04 49.64 1.92
N VAL B 52 -9.66 48.46 2.10
CA VAL B 52 -8.94 47.21 2.41
C VAL B 52 -8.98 46.21 1.24
N THR B 53 -7.80 45.83 0.73
CA THR B 53 -7.63 44.82 -0.33
C THR B 53 -7.17 43.52 0.31
N HIS B 54 -7.69 42.39 -0.17
CA HIS B 54 -7.32 41.08 0.35
C HIS B 54 -6.63 40.28 -0.75
N ILE B 55 -5.30 40.10 -0.62
CA ILE B 55 -4.49 39.39 -1.61
C ILE B 55 -4.28 37.98 -1.14
N LYS B 56 -4.73 36.99 -1.93
CA LYS B 56 -4.58 35.58 -1.60
C LYS B 56 -3.12 35.09 -1.77
N ILE B 57 -2.68 34.22 -0.87
CA ILE B 57 -1.39 33.52 -0.92
C ILE B 57 -1.78 32.05 -0.87
N GLN B 58 -1.42 31.29 -1.89
CA GLN B 58 -1.69 29.86 -1.93
C GLN B 58 -0.46 29.06 -1.54
N ASN B 59 -0.68 27.92 -0.85
CA ASN B 59 0.34 26.95 -0.52
C ASN B 59 -0.21 25.52 -0.64
N THR B 60 0.11 24.91 -1.77
CA THR B 60 -0.29 23.53 -2.08
C THR B 60 0.71 22.52 -1.51
N GLY B 61 1.87 23.03 -1.06
CA GLY B 61 2.94 22.23 -0.47
C GLY B 61 4.33 22.47 -1.01
N ASP B 62 4.45 23.31 -2.07
CA ASP B 62 5.76 23.58 -2.70
C ASP B 62 6.38 24.94 -2.35
N TYR B 63 5.55 25.99 -2.17
CA TYR B 63 5.92 27.38 -1.88
C TYR B 63 4.67 28.23 -1.68
N TYR B 64 4.87 29.47 -1.21
CA TYR B 64 3.81 30.46 -1.04
C TYR B 64 3.71 31.22 -2.37
N ASP B 65 2.61 31.05 -3.09
CA ASP B 65 2.40 31.76 -4.35
C ASP B 65 1.46 32.90 -4.04
N LEU B 66 1.99 34.12 -4.02
CA LEU B 66 1.21 35.33 -3.80
C LEU B 66 0.56 35.71 -5.12
N TYR B 67 -0.78 35.77 -5.15
CA TYR B 67 -1.56 36.08 -6.35
C TYR B 67 -1.23 37.48 -6.90
N GLY B 68 -0.75 37.51 -8.15
CA GLY B 68 -0.29 38.74 -8.80
C GLY B 68 1.04 39.22 -8.27
N GLY B 69 1.83 38.30 -7.71
CA GLY B 69 3.15 38.57 -7.14
C GLY B 69 4.14 37.46 -7.41
N GLU B 70 5.04 37.22 -6.45
CA GLU B 70 6.11 36.22 -6.55
C GLU B 70 5.88 34.99 -5.65
N LYS B 71 6.76 33.98 -5.79
CA LYS B 71 6.74 32.73 -5.02
C LYS B 71 7.80 32.78 -3.91
N PHE B 72 7.43 32.42 -2.69
CA PHE B 72 8.33 32.54 -1.54
C PHE B 72 8.45 31.26 -0.76
N ALA B 73 9.52 31.16 0.04
CA ALA B 73 9.74 29.99 0.90
C ALA B 73 9.01 30.11 2.25
N THR B 74 8.84 31.34 2.78
CA THR B 74 8.12 31.58 4.05
C THR B 74 7.28 32.87 3.91
N LEU B 75 6.31 33.09 4.83
CA LEU B 75 5.53 34.35 4.83
C LEU B 75 6.41 35.51 5.37
N ALA B 76 7.37 35.20 6.26
CA ALA B 76 8.28 36.22 6.77
C ALA B 76 9.22 36.72 5.68
N GLU B 77 9.66 35.83 4.76
CA GLU B 77 10.54 36.19 3.63
C GLU B 77 9.76 36.98 2.59
N LEU B 78 8.45 36.73 2.46
CA LEU B 78 7.53 37.41 1.55
C LEU B 78 7.41 38.86 2.00
N VAL B 79 6.95 39.06 3.26
CA VAL B 79 6.78 40.35 3.92
C VAL B 79 8.10 41.14 3.86
N GLN B 80 9.25 40.49 4.16
CA GLN B 80 10.54 41.18 4.13
C GLN B 80 10.86 41.69 2.73
N TYR B 81 10.63 40.84 1.73
CA TYR B 81 10.89 41.17 0.34
C TYR B 81 10.09 42.40 -0.09
N TYR B 82 8.79 42.44 0.22
CA TYR B 82 7.93 43.58 -0.14
C TYR B 82 8.13 44.81 0.73
N MET B 83 8.59 44.66 1.99
CA MET B 83 8.86 45.80 2.86
C MET B 83 10.18 46.51 2.49
N GLU B 84 10.98 45.91 1.58
CA GLU B 84 12.24 46.47 1.08
C GLU B 84 12.14 46.79 -0.43
N HIS B 85 11.34 46.03 -1.20
CA HIS B 85 11.18 46.23 -2.65
C HIS B 85 9.86 46.91 -2.98
N HIS B 86 9.78 48.23 -2.70
CA HIS B 86 8.58 49.02 -2.98
C HIS B 86 8.45 49.31 -4.48
N GLY B 87 7.30 48.90 -5.02
CA GLY B 87 6.96 48.97 -6.43
C GLY B 87 6.71 47.59 -7.04
N GLN B 88 7.20 46.52 -6.35
CA GLN B 88 7.10 45.11 -6.77
C GLN B 88 5.72 44.48 -6.55
N LEU B 89 4.98 44.92 -5.51
CA LEU B 89 3.64 44.39 -5.24
C LEU B 89 2.55 45.19 -5.99
N LYS B 90 1.97 44.55 -7.02
CA LYS B 90 0.94 45.17 -7.86
C LYS B 90 -0.42 44.50 -7.67
N GLU B 91 -1.51 45.24 -7.98
CA GLU B 91 -2.89 44.77 -7.90
C GLU B 91 -3.23 43.84 -9.06
N ASN B 93 -4.05 44.94 -13.72
CA ASN B 93 -4.29 46.21 -13.05
C ASN B 93 -3.01 47.04 -12.99
N GLY B 94 -1.94 46.44 -12.45
CA GLY B 94 -0.62 47.04 -12.32
C GLY B 94 -0.47 48.15 -11.29
N ASP B 95 -1.51 48.38 -10.43
CA ASP B 95 -1.50 49.42 -9.38
C ASP B 95 -0.62 48.96 -8.23
N VAL B 96 0.35 49.79 -7.84
CA VAL B 96 1.26 49.46 -6.74
C VAL B 96 0.58 49.53 -5.37
N ILE B 97 0.85 48.50 -4.52
CA ILE B 97 0.38 48.38 -3.16
C ILE B 97 1.60 48.35 -2.24
N GLU B 98 1.58 49.16 -1.18
CA GLU B 98 2.70 49.28 -0.29
C GLU B 98 2.49 48.65 1.07
N LEU B 99 3.48 47.84 1.50
CA LEU B 99 3.50 47.23 2.84
C LEU B 99 4.46 48.08 3.68
N LYS B 100 3.92 49.06 4.41
CA LYS B 100 4.71 49.96 5.26
C LYS B 100 4.54 49.62 6.74
N TYR B 101 3.29 49.48 7.20
CA TYR B 101 3.06 49.32 8.62
C TYR B 101 2.45 48.00 9.02
N PRO B 102 3.27 47.08 9.59
CA PRO B 102 2.67 45.83 10.09
C PRO B 102 1.77 46.16 11.28
N LEU B 103 0.49 45.72 11.19
CA LEU B 103 -0.55 45.86 12.21
C LEU B 103 -0.42 44.63 13.12
N ASN B 104 0.11 44.85 14.32
CA ASN B 104 0.45 43.80 15.26
C ASN B 104 -0.76 43.20 15.99
N CYS B 105 -0.67 41.90 16.22
CA CYS B 105 -1.66 41.04 16.85
C CYS B 105 -1.38 40.92 18.33
N ALA B 106 -2.43 41.07 19.14
CA ALA B 106 -2.34 40.99 20.60
C ALA B 106 -2.45 39.55 21.11
N ASP B 107 -3.19 38.68 20.37
CA ASP B 107 -3.49 37.27 20.63
C ASP B 107 -2.25 36.43 21.05
N PRO B 108 -2.27 35.78 22.24
CA PRO B 108 -1.12 34.96 22.63
C PRO B 108 -1.18 33.49 22.22
N THR B 109 -2.26 33.04 21.54
CA THR B 109 -2.49 31.62 21.15
C THR B 109 -1.34 30.93 20.40
N SER B 110 -0.60 31.67 19.55
CA SER B 110 0.51 31.14 18.76
C SER B 110 1.91 31.24 19.42
N GLU B 111 1.97 31.62 20.70
CA GLU B 111 3.23 31.73 21.44
C GLU B 111 3.59 30.38 22.07
N ARG B 112 4.90 30.02 22.03
CA ARG B 112 5.44 28.77 22.57
C ARG B 112 5.20 28.62 24.07
N TRP B 113 5.06 29.75 24.80
CA TRP B 113 4.86 29.78 26.25
C TRP B 113 3.38 29.82 26.71
N PHE B 114 2.43 30.12 25.81
CA PHE B 114 0.99 30.22 26.15
C PHE B 114 0.23 28.89 26.15
N HIS B 115 -0.35 28.51 27.30
CA HIS B 115 -1.09 27.26 27.43
C HIS B 115 -2.57 27.40 27.76
N GLY B 116 -3.19 28.51 27.36
CA GLY B 116 -4.62 28.79 27.56
C GLY B 116 -5.18 28.22 28.86
N HIS B 117 -6.17 27.30 28.73
CA HIS B 117 -6.74 26.63 29.89
C HIS B 117 -5.80 25.51 30.35
N LEU B 118 -5.18 25.72 31.50
CA LEU B 118 -4.28 24.79 32.15
C LEU B 118 -4.34 25.08 33.63
N SER B 119 -4.61 24.05 34.44
CA SER B 119 -4.74 24.12 35.89
C SER B 119 -3.38 24.47 36.50
N GLY B 120 -3.39 25.09 37.68
CA GLY B 120 -2.17 25.42 38.42
C GLY B 120 -1.47 24.16 38.85
N LYS B 121 -2.28 23.08 38.98
CA LYS B 121 -1.92 21.72 39.36
C LYS B 121 -1.06 21.12 38.24
N GLU B 122 -1.64 21.01 37.02
CA GLU B 122 -1.00 20.52 35.80
C GLU B 122 0.30 21.29 35.50
N ALA B 123 0.26 22.65 35.63
CA ALA B 123 1.38 23.57 35.40
C ALA B 123 2.57 23.26 36.30
N GLU B 124 2.28 22.99 37.60
CA GLU B 124 3.29 22.67 38.62
C GLU B 124 3.94 21.32 38.31
N LYS B 125 3.12 20.35 37.85
CA LYS B 125 3.57 19.00 37.49
C LYS B 125 4.48 19.11 36.27
N LEU B 126 3.97 19.73 35.15
CA LEU B 126 4.70 19.97 33.90
C LEU B 126 6.06 20.63 34.12
N LEU B 127 6.10 21.74 34.92
CA LEU B 127 7.36 22.42 35.23
C LEU B 127 8.30 21.58 36.09
N THR B 128 7.79 20.54 36.76
CA THR B 128 8.60 19.63 37.57
C THR B 128 9.15 18.48 36.72
N GLU B 129 8.28 17.86 35.88
CA GLU B 129 8.63 16.72 35.01
C GLU B 129 9.56 17.11 33.85
N LYS B 130 9.18 18.16 33.11
CA LYS B 130 9.83 18.64 31.88
C LYS B 130 10.75 19.86 32.03
N GLY B 131 10.43 20.77 32.96
CA GLY B 131 11.14 22.03 33.15
C GLY B 131 12.54 21.98 33.73
N LYS B 132 13.29 23.05 33.46
CA LYS B 132 14.65 23.33 33.97
C LYS B 132 14.70 24.82 34.43
N HIS B 133 15.87 25.32 34.88
CA HIS B 133 15.97 26.72 35.32
C HIS B 133 15.64 27.71 34.18
N GLY B 134 14.65 28.56 34.41
CA GLY B 134 14.21 29.56 33.44
C GLY B 134 13.03 29.16 32.60
N SER B 135 12.52 27.92 32.82
CA SER B 135 11.37 27.36 32.08
C SER B 135 10.14 28.07 32.56
N PHE B 136 9.31 28.53 31.64
CA PHE B 136 8.12 29.27 32.04
C PHE B 136 6.94 28.95 31.17
N LEU B 137 5.79 29.45 31.58
CA LEU B 137 4.54 29.33 30.86
C LEU B 137 3.57 30.38 31.36
N VAL B 138 2.58 30.68 30.53
CA VAL B 138 1.51 31.60 30.88
C VAL B 138 0.24 30.79 30.63
N ARG B 139 -0.62 30.72 31.65
CA ARG B 139 -1.90 29.99 31.62
C ARG B 139 -3.00 30.88 32.18
N GLU B 140 -4.25 30.51 31.91
CA GLU B 140 -5.40 31.25 32.40
C GLU B 140 -5.63 30.91 33.88
N SER B 141 -5.94 31.95 34.70
CA SER B 141 -6.18 31.81 36.14
C SER B 141 -7.50 31.08 36.41
N PRO B 145 -9.81 35.03 37.04
CA PRO B 145 -10.83 34.69 36.03
C PRO B 145 -10.94 35.83 35.01
N GLY B 146 -10.28 35.62 33.87
CA GLY B 146 -10.11 36.62 32.80
C GLY B 146 -8.67 37.11 32.86
N ASP B 147 -8.04 36.85 34.03
CA ASP B 147 -6.66 37.12 34.38
C ASP B 147 -5.79 35.91 33.93
N PHE B 148 -4.48 35.97 34.19
CA PHE B 148 -3.52 34.96 33.77
C PHE B 148 -2.49 34.73 34.86
N VAL B 149 -1.73 33.62 34.74
CA VAL B 149 -0.70 33.29 35.70
C VAL B 149 0.57 32.90 34.95
N LEU B 150 1.68 33.51 35.29
CA LEU B 150 2.98 33.20 34.75
C LEU B 150 3.65 32.26 35.75
N SER B 151 3.97 31.02 35.33
CA SER B 151 4.65 30.07 36.19
C SER B 151 6.07 29.87 35.68
N VAL B 152 7.07 30.07 36.55
CA VAL B 152 8.49 30.01 36.26
C VAL B 152 9.16 29.07 37.22
N ARG B 153 10.17 28.33 36.73
CA ARG B 153 11.02 27.44 37.49
C ARG B 153 12.40 28.11 37.61
N THR B 154 13.06 28.02 38.78
CA THR B 154 14.39 28.63 38.95
C THR B 154 15.43 27.63 39.46
N SER B 166 15.64 23.91 43.70
CA SER B 166 14.72 24.28 42.61
C SER B 166 13.31 24.56 43.14
N LYS B 167 12.56 25.49 42.48
CA LYS B 167 11.19 25.86 42.88
C LYS B 167 10.32 26.41 41.71
N VAL B 168 8.98 26.42 41.87
CA VAL B 168 8.04 26.97 40.89
C VAL B 168 7.40 28.23 41.52
N THR B 169 7.51 29.38 40.83
CA THR B 169 6.91 30.64 41.26
C THR B 169 5.74 30.99 40.34
N HIS B 170 4.60 31.36 40.93
CA HIS B 170 3.43 31.79 40.18
C HIS B 170 3.34 33.32 40.32
N VAL B 171 3.25 34.02 39.19
CA VAL B 171 3.18 35.48 39.11
C VAL B 171 1.85 35.84 38.46
N MET B 172 0.93 36.35 39.27
CA MET B 172 -0.41 36.77 38.85
C MET B 172 -0.31 37.92 37.86
N ILE B 173 -1.05 37.80 36.76
CA ILE B 173 -1.12 38.78 35.68
C ILE B 173 -2.57 39.19 35.67
N ARG B 174 -2.86 40.41 36.03
CA ARG B 174 -4.26 40.80 35.99
C ARG B 174 -4.58 41.56 34.72
N CYS B 175 -5.78 41.33 34.22
CA CYS B 175 -6.26 41.98 33.00
C CYS B 175 -7.21 43.09 33.42
N GLN B 176 -6.83 44.34 33.14
CA GLN B 176 -7.61 45.53 33.48
C GLN B 176 -7.70 46.40 32.27
N GLU B 177 -8.94 46.69 31.83
CA GLU B 177 -9.28 47.56 30.69
C GLU B 177 -8.42 47.25 29.46
N LEU B 178 -8.34 45.94 29.08
CA LEU B 178 -7.57 45.38 27.95
C LEU B 178 -6.04 45.32 28.22
N LYS B 179 -5.53 46.06 29.23
CA LYS B 179 -4.12 46.10 29.58
C LYS B 179 -3.75 45.03 30.63
N TYR B 180 -2.51 44.51 30.53
CA TYR B 180 -1.97 43.46 31.38
C TYR B 180 -0.87 43.97 32.30
N ASP B 181 -0.83 43.48 33.57
CA ASP B 181 0.19 43.87 34.54
C ASP B 181 0.42 42.81 35.64
N VAL B 182 1.56 42.90 36.35
CA VAL B 182 1.90 41.98 37.45
C VAL B 182 1.56 42.60 38.85
N GLY B 183 0.59 43.52 38.86
CA GLY B 183 0.13 44.17 40.08
C GLY B 183 0.77 45.51 40.35
N GLY B 184 1.75 45.88 39.55
CA GLY B 184 2.45 47.16 39.68
C GLY B 184 3.36 47.43 38.51
N GLY B 185 3.67 48.70 38.30
CA GLY B 185 4.56 49.16 37.24
C GLY B 185 3.84 49.43 35.94
N GLU B 186 4.44 48.98 34.83
CA GLU B 186 3.90 49.15 33.49
C GLU B 186 2.67 48.26 33.22
N ARG B 187 1.76 48.78 32.38
CA ARG B 187 0.56 48.10 31.95
C ARG B 187 0.75 47.89 30.44
N PHE B 188 0.67 46.64 29.99
CA PHE B 188 0.98 46.23 28.61
C PHE B 188 -0.22 46.01 27.72
N ASP B 189 -0.01 46.23 26.42
CA ASP B 189 -1.02 46.09 25.36
C ASP B 189 -1.41 44.64 25.08
N SER B 190 -0.49 43.69 25.33
CA SER B 190 -0.66 42.24 25.09
C SER B 190 0.21 41.43 26.09
N LEU B 191 -0.02 40.09 26.21
CA LEU B 191 0.79 39.21 27.07
C LEU B 191 2.21 39.10 26.51
N THR B 192 2.35 39.23 25.18
CA THR B 192 3.63 39.19 24.45
C THR B 192 4.53 40.32 24.91
N ASP B 193 4.03 41.59 24.90
CA ASP B 193 4.76 42.80 25.34
C ASP B 193 5.26 42.63 26.77
N LEU B 194 4.37 42.09 27.66
CA LEU B 194 4.63 41.85 29.07
C LEU B 194 5.72 40.77 29.22
N VAL B 195 5.55 39.61 28.55
CA VAL B 195 6.54 38.52 28.59
C VAL B 195 7.89 39.03 28.10
N GLU B 196 7.94 39.71 26.93
CA GLU B 196 9.16 40.31 26.36
C GLU B 196 9.90 41.30 27.29
N HIS B 197 9.15 42.11 28.06
CA HIS B 197 9.67 43.09 29.02
C HIS B 197 10.37 42.39 30.18
N TYR B 198 9.72 41.39 30.82
CA TYR B 198 10.25 40.63 31.95
C TYR B 198 11.29 39.57 31.54
N LYS B 199 11.40 39.32 30.22
CA LYS B 199 12.40 38.45 29.63
C LYS B 199 13.70 39.29 29.61
N LYS B 200 13.57 40.62 29.35
CA LYS B 200 14.63 41.62 29.24
C LYS B 200 15.04 42.20 30.62
N ASN B 201 14.05 42.56 31.46
CA ASN B 201 14.20 43.14 32.80
C ASN B 201 13.54 42.17 33.77
N PRO B 202 14.25 41.10 34.19
CA PRO B 202 13.62 40.10 35.07
C PRO B 202 13.19 40.62 36.42
N MET B 203 12.02 40.15 36.88
CA MET B 203 11.45 40.44 38.21
C MET B 203 12.39 39.83 39.25
N VAL B 204 12.61 40.58 40.33
CA VAL B 204 13.46 40.14 41.43
C VAL B 204 12.61 40.09 42.69
N GLU B 205 12.53 38.90 43.32
CA GLU B 205 11.84 38.63 44.58
C GLU B 205 12.62 39.39 45.68
N THR B 206 11.91 39.89 46.72
CA THR B 206 12.48 40.70 47.82
C THR B 206 13.72 40.04 48.47
N LEU B 207 13.79 38.70 48.51
CA LEU B 207 14.93 38.00 49.09
C LEU B 207 16.04 37.60 48.07
N GLY B 208 16.09 38.28 46.92
CA GLY B 208 17.12 38.09 45.92
C GLY B 208 16.82 37.31 44.65
N THR B 209 15.96 36.25 44.72
CA THR B 209 15.65 35.40 43.56
C THR B 209 15.18 36.20 42.34
N VAL B 210 15.97 36.08 41.25
CA VAL B 210 15.79 36.72 39.94
C VAL B 210 14.97 35.73 39.10
N LEU B 211 13.72 36.10 38.80
CA LEU B 211 12.82 35.25 38.04
C LEU B 211 13.09 35.36 36.54
N GLN B 212 14.14 34.64 36.09
CA GLN B 212 14.57 34.61 34.71
C GLN B 212 13.60 33.81 33.84
N LEU B 213 13.17 34.42 32.72
CA LEU B 213 12.31 33.81 31.71
C LEU B 213 13.27 33.41 30.58
N LYS B 214 13.99 32.29 30.77
CA LYS B 214 15.01 31.83 29.84
C LYS B 214 14.45 31.09 28.64
N GLN B 215 13.54 30.15 28.86
CA GLN B 215 12.93 29.38 27.76
C GLN B 215 11.53 28.90 28.09
N PRO B 216 10.58 28.82 27.12
CA PRO B 216 9.25 28.25 27.43
C PRO B 216 9.38 26.78 27.85
N LEU B 217 8.36 26.24 28.51
CA LEU B 217 8.40 24.85 28.91
C LEU B 217 8.23 23.96 27.65
N ASN B 218 9.07 22.93 27.51
CA ASN B 218 8.98 22.07 26.34
C ASN B 218 7.86 21.08 26.53
N THR B 219 6.78 21.20 25.74
CA THR B 219 5.64 20.29 25.83
C THR B 219 5.51 19.37 24.61
N THR B 220 6.27 19.65 23.55
CA THR B 220 6.18 18.92 22.28
C THR B 220 7.10 17.69 22.23
N ARG B 221 8.18 17.65 23.06
CA ARG B 221 9.10 16.52 23.12
C ARG B 221 8.39 15.33 23.78
N ILE B 222 8.28 14.23 23.05
CA ILE B 222 7.61 13.04 23.57
C ILE B 222 8.46 11.80 23.43
N ASN B 223 8.08 10.74 24.15
CA ASN B 223 8.77 9.45 23.99
C ASN B 223 8.09 8.76 22.80
N ALA B 224 8.89 8.12 21.91
CA ALA B 224 8.40 7.43 20.71
C ALA B 224 7.19 6.55 20.95
N ALA B 225 7.16 5.81 22.09
CA ALA B 225 6.08 4.90 22.50
C ALA B 225 4.73 5.61 22.69
N GLU B 226 4.74 6.87 23.17
CA GLU B 226 3.54 7.65 23.43
C GLU B 226 3.05 8.48 22.20
N ILE B 227 3.53 8.13 20.96
CA ILE B 227 3.14 8.80 19.70
C ILE B 227 1.62 8.68 19.42
N GLU B 228 1.02 7.48 19.59
CA GLU B 228 -0.42 7.26 19.33
C GLU B 228 -1.27 8.12 20.25
N SER B 229 -0.88 8.17 21.54
CA SER B 229 -1.49 8.99 22.58
C SER B 229 -1.43 10.48 22.18
N ARG B 230 -0.26 10.95 21.68
CA ARG B 230 -0.05 12.33 21.23
C ARG B 230 -0.79 12.67 19.93
N VAL B 231 -0.77 11.75 18.95
CA VAL B 231 -1.48 11.98 17.69
C VAL B 231 -2.97 12.15 17.94
N ARG B 232 -3.54 11.30 18.82
CA ARG B 232 -4.94 11.35 19.25
C ARG B 232 -5.28 12.70 19.89
N GLU B 233 -4.41 13.19 20.79
CA GLU B 233 -4.55 14.48 21.48
C GLU B 233 -4.43 15.69 20.51
N LEU B 234 -3.60 15.56 19.44
CA LEU B 234 -3.44 16.61 18.41
C LEU B 234 -4.57 16.55 17.37
N SER B 235 -5.25 15.40 17.24
CA SER B 235 -6.36 15.23 16.32
C SER B 235 -7.71 15.69 16.93
N LYS B 236 -7.76 15.88 18.25
CA LYS B 236 -8.98 16.29 18.96
C LYS B 236 -9.42 17.73 18.64
N GLN B 246 -8.12 22.09 15.64
CA GLN B 246 -7.26 20.98 16.09
C GLN B 246 -5.92 21.44 16.67
N GLY B 247 -5.35 20.60 17.52
CA GLY B 247 -4.04 20.84 18.15
C GLY B 247 -2.88 20.81 17.17
N PHE B 248 -3.02 20.10 16.03
CA PHE B 248 -2.02 20.02 14.95
C PHE B 248 -1.83 21.41 14.34
N TRP B 249 -2.96 22.13 14.14
CA TRP B 249 -2.96 23.48 13.62
C TRP B 249 -2.27 24.42 14.62
N GLU B 250 -2.61 24.28 15.90
CA GLU B 250 -2.05 25.05 16.99
C GLU B 250 -0.54 24.88 17.04
N GLU B 251 -0.06 23.63 17.09
CA GLU B 251 1.36 23.27 17.15
C GLU B 251 2.10 23.77 15.89
N PHE B 252 1.48 23.61 14.71
CA PHE B 252 2.07 24.11 13.46
C PHE B 252 2.25 25.66 13.43
N GLU B 253 1.17 26.41 13.75
CA GLU B 253 1.19 27.87 13.74
C GLU B 253 2.13 28.49 14.79
N THR B 254 2.45 27.74 15.83
CA THR B 254 3.41 28.16 16.86
C THR B 254 4.81 27.99 16.29
N LEU B 255 5.01 26.98 15.45
CA LEU B 255 6.28 26.73 14.77
C LEU B 255 6.49 27.81 13.70
N GLN B 256 5.44 28.14 12.93
CA GLN B 256 5.49 29.14 11.88
C GLN B 256 5.89 30.50 12.37
N GLN B 257 5.40 30.88 13.58
CA GLN B 257 5.63 32.16 14.26
C GLN B 257 7.10 32.33 14.66
N GLN B 258 7.90 31.25 14.51
CA GLN B 258 9.33 31.29 14.82
C GLN B 258 10.23 31.43 13.57
N GLU B 259 9.63 31.64 12.38
CA GLU B 259 10.38 31.74 11.12
C GLU B 259 11.09 33.08 10.97
N CYS B 260 10.62 34.15 11.67
CA CYS B 260 11.22 35.48 11.68
CA CYS B 260 11.27 35.45 11.60
C CYS B 260 12.67 35.39 12.25
N LYS B 261 12.87 34.45 13.21
CA LYS B 261 14.17 34.20 13.85
C LYS B 261 15.15 33.52 12.83
N LEU B 262 14.68 33.15 11.59
CA LEU B 262 15.52 32.47 10.60
C LEU B 262 15.76 33.20 9.28
N LEU B 263 15.68 34.54 9.28
CA LEU B 263 15.91 35.35 8.08
C LEU B 263 17.40 35.64 7.87
N TYR B 264 18.18 34.58 7.60
CA TYR B 264 19.63 34.65 7.35
C TYR B 264 19.86 35.17 5.93
N SER B 265 21.10 35.63 5.65
CA SER B 265 21.43 36.18 4.33
C SER B 265 21.40 35.13 3.21
N ARG B 266 20.87 35.53 2.05
CA ARG B 266 20.78 34.70 0.85
C ARG B 266 21.32 35.55 -0.31
N LYS B 267 22.41 36.28 -0.05
CA LYS B 267 23.03 37.24 -0.96
C LYS B 267 23.68 36.63 -2.20
N GLU B 268 24.41 35.50 -2.09
CA GLU B 268 25.06 34.84 -3.24
C GLU B 268 24.07 34.46 -4.32
N GLY B 269 22.88 34.04 -3.89
CA GLY B 269 21.80 33.67 -4.79
C GLY B 269 21.19 34.83 -5.53
N GLN B 270 21.34 36.03 -4.96
CA GLN B 270 20.78 37.28 -5.51
C GLN B 270 21.66 37.95 -6.58
N ARG B 271 22.99 37.61 -6.63
CA ARG B 271 23.94 38.15 -7.61
C ARG B 271 23.45 37.89 -9.03
N GLN B 272 23.65 38.88 -9.94
CA GLN B 272 23.22 38.86 -11.36
C GLN B 272 23.68 37.59 -12.09
N GLU B 273 24.89 37.15 -11.81
CA GLU B 273 25.49 35.98 -12.41
C GLU B 273 24.80 34.67 -11.97
N ASN B 274 23.99 34.74 -10.88
CA ASN B 274 23.34 33.57 -10.32
C ASN B 274 21.82 33.54 -10.48
N LYS B 275 21.16 34.66 -10.79
CA LYS B 275 19.69 34.71 -10.98
C LYS B 275 19.12 33.64 -11.89
N ASN B 276 19.70 33.42 -13.06
CA ASN B 276 19.20 32.40 -14.03
C ASN B 276 19.42 30.97 -13.52
N LYS B 277 20.20 30.82 -12.43
CA LYS B 277 20.49 29.52 -11.83
C LYS B 277 19.41 29.11 -10.80
N ASN B 278 18.43 29.97 -10.58
CA ASN B 278 17.36 29.74 -9.65
C ASN B 278 16.09 29.46 -10.38
N ARG B 279 15.38 28.42 -9.95
CA ARG B 279 14.10 28.06 -10.56
C ARG B 279 13.02 29.09 -10.20
N TYR B 280 13.13 29.65 -9.01
CA TYR B 280 12.26 30.64 -8.40
C TYR B 280 13.18 31.70 -7.84
N LYS B 281 13.09 32.90 -8.43
CA LYS B 281 13.85 34.10 -8.11
C LYS B 281 14.08 34.30 -6.60
N ASN B 282 13.01 34.11 -5.79
CA ASN B 282 12.99 34.41 -4.37
C ASN B 282 13.17 33.20 -3.47
N ILE B 283 13.29 31.99 -4.05
CA ILE B 283 13.56 30.83 -3.23
C ILE B 283 15.08 30.56 -3.38
N LEU B 284 15.89 31.09 -2.45
CA LEU B 284 17.35 31.04 -2.50
C LEU B 284 17.98 30.31 -1.32
N PRO B 285 19.24 29.82 -1.47
CA PRO B 285 19.91 29.17 -0.35
C PRO B 285 20.56 30.13 0.64
N PHE B 286 20.58 29.77 1.92
CA PHE B 286 21.27 30.55 2.97
C PHE B 286 22.74 30.54 2.66
N ASP B 287 23.40 31.68 2.79
CA ASP B 287 24.82 31.78 2.47
C ASP B 287 25.72 30.90 3.36
N HIS B 288 25.33 30.68 4.64
CA HIS B 288 26.14 29.88 5.60
C HIS B 288 26.04 28.33 5.41
N THR B 289 25.00 27.82 4.72
CA THR B 289 24.87 26.37 4.51
C THR B 289 24.84 25.94 3.04
N ARG B 290 24.96 26.90 2.11
CA ARG B 290 24.90 26.64 0.67
C ARG B 290 26.03 25.75 0.16
N VAL B 291 25.77 25.00 -0.91
CA VAL B 291 26.82 24.18 -1.51
C VAL B 291 27.72 25.10 -2.41
N VAL B 292 29.01 25.13 -2.11
CA VAL B 292 30.02 25.92 -2.81
C VAL B 292 30.77 24.98 -3.76
N LEU B 293 30.66 25.24 -5.07
CA LEU B 293 31.33 24.42 -6.08
C LEU B 293 32.76 24.94 -6.25
N HIS B 294 33.78 24.12 -5.92
CA HIS B 294 35.18 24.53 -5.94
C HIS B 294 35.94 24.09 -7.17
N VAL B 302 31.23 33.70 -12.36
CA VAL B 302 30.81 32.82 -11.26
C VAL B 302 30.62 31.38 -11.75
N SER B 303 31.22 30.43 -11.03
CA SER B 303 31.24 28.99 -11.27
C SER B 303 30.96 28.15 -9.98
N ASP B 304 30.77 28.82 -8.81
CA ASP B 304 30.64 28.22 -7.49
C ASP B 304 29.23 28.07 -6.94
N TYR B 305 28.24 28.51 -7.69
CA TYR B 305 26.88 28.55 -7.23
C TYR B 305 25.96 27.43 -7.68
N ILE B 306 25.13 26.98 -6.72
CA ILE B 306 24.03 26.04 -6.92
C ILE B 306 22.93 26.34 -5.89
N ASN B 307 21.66 26.26 -6.29
CA ASN B 307 20.56 26.40 -5.34
C ASN B 307 20.38 25.05 -4.57
N ALA B 308 21.23 24.88 -3.59
CA ALA B 308 21.36 23.71 -2.81
C ALA B 308 21.99 24.09 -1.47
N ASN B 309 21.53 23.42 -0.39
CA ASN B 309 22.07 23.55 0.96
C ASN B 309 22.35 22.20 1.57
N ILE B 310 23.41 22.14 2.34
CA ILE B 310 23.80 21.01 3.16
C ILE B 310 22.87 21.00 4.39
N ILE B 311 22.28 19.84 4.72
CA ILE B 311 21.41 19.68 5.90
C ILE B 311 22.02 18.67 6.83
N MET B 312 22.65 19.17 7.88
CA MET B 312 23.29 18.40 8.93
C MET B 312 22.38 18.31 10.15
N PRO B 313 21.88 17.11 10.52
CA PRO B 313 21.00 17.00 11.72
C PRO B 313 21.71 17.19 13.06
N PRO B 324 28.97 7.14 12.58
CA PRO B 324 28.71 7.95 11.37
C PRO B 324 27.37 8.67 11.43
N LYS B 325 27.32 9.90 10.90
CA LYS B 325 26.13 10.75 10.90
C LYS B 325 25.70 11.07 9.46
N LYS B 326 24.45 10.72 9.11
CA LYS B 326 23.91 10.95 7.79
C LYS B 326 23.46 12.39 7.65
N SER B 327 24.01 13.11 6.66
CA SER B 327 23.63 14.48 6.33
C SER B 327 22.93 14.48 4.95
N TYR B 328 22.27 15.58 4.62
CA TYR B 328 21.53 15.67 3.36
C TYR B 328 21.95 16.91 2.61
N ILE B 329 21.62 16.96 1.33
CA ILE B 329 21.76 18.12 0.45
C ILE B 329 20.37 18.33 -0.08
N ALA B 330 19.71 19.41 0.33
CA ALA B 330 18.40 19.79 -0.12
C ALA B 330 18.59 20.73 -1.34
N THR B 331 17.96 20.39 -2.46
CA THR B 331 18.18 21.14 -3.68
C THR B 331 16.88 21.31 -4.50
N GLN B 332 16.90 22.24 -5.44
CA GLN B 332 15.80 22.49 -6.35
C GLN B 332 15.88 21.50 -7.53
N GLY B 333 14.83 21.43 -8.32
CA GLY B 333 14.82 20.58 -9.50
C GLY B 333 15.71 21.21 -10.56
N CYS B 334 16.51 20.39 -11.24
CA CYS B 334 17.43 20.85 -12.30
C CYS B 334 16.79 21.77 -13.33
N LEU B 335 17.49 22.85 -13.69
CA LEU B 335 17.11 23.69 -14.82
C LEU B 335 18.04 23.18 -15.96
N GLN B 336 17.77 23.50 -17.23
CA GLN B 336 18.64 23.00 -18.33
C GLN B 336 20.07 23.55 -18.23
N ASN B 337 20.20 24.76 -17.70
CA ASN B 337 21.47 25.46 -17.50
C ASN B 337 22.20 25.09 -16.18
N THR B 338 21.61 24.21 -15.34
CA THR B 338 22.24 23.84 -14.07
C THR B 338 22.54 22.38 -13.95
N VAL B 339 22.22 21.58 -14.99
CA VAL B 339 22.45 20.13 -15.03
C VAL B 339 23.94 19.80 -14.78
N ASN B 340 24.87 20.51 -15.44
CA ASN B 340 26.32 20.28 -15.27
C ASN B 340 26.73 20.65 -13.84
N ASP B 341 26.20 21.77 -13.30
CA ASP B 341 26.44 22.22 -11.92
C ASP B 341 25.95 21.15 -10.91
N PHE B 342 24.79 20.52 -11.19
CA PHE B 342 24.25 19.45 -10.36
C PHE B 342 25.21 18.26 -10.23
N TRP B 343 25.77 17.78 -11.37
CA TRP B 343 26.72 16.66 -11.38
C TRP B 343 28.06 17.03 -10.74
N ARG B 344 28.47 18.31 -10.86
CA ARG B 344 29.67 18.83 -10.24
C ARG B 344 29.46 18.77 -8.72
N MET B 345 28.22 19.04 -8.24
CA MET B 345 27.89 18.96 -6.81
C MET B 345 27.93 17.50 -6.30
N VAL B 346 27.24 16.58 -6.99
CA VAL B 346 27.18 15.16 -6.64
C VAL B 346 28.57 14.57 -6.56
N PHE B 347 29.42 14.90 -7.53
CA PHE B 347 30.80 14.43 -7.59
C PHE B 347 31.68 14.99 -6.45
N GLN B 348 31.65 16.31 -6.21
CA GLN B 348 32.45 17.01 -5.17
C GLN B 348 32.04 16.52 -3.77
N GLU B 349 30.72 16.45 -3.52
CA GLU B 349 30.15 16.06 -2.26
C GLU B 349 30.26 14.59 -1.95
N ASN B 350 30.64 13.77 -2.96
CA ASN B 350 30.83 12.34 -2.87
C ASN B 350 29.52 11.61 -2.53
N SER B 351 28.38 12.21 -2.94
CA SER B 351 27.06 11.62 -2.79
C SER B 351 26.93 10.40 -3.68
N ARG B 352 26.38 9.32 -3.10
CA ARG B 352 26.14 8.06 -3.80
C ARG B 352 24.68 7.77 -3.89
N VAL B 353 23.82 8.70 -3.40
CA VAL B 353 22.38 8.49 -3.38
C VAL B 353 21.71 9.80 -3.72
N ILE B 354 20.74 9.73 -4.65
CA ILE B 354 19.94 10.87 -5.07
C ILE B 354 18.48 10.50 -4.86
N VAL B 355 17.74 11.35 -4.20
CA VAL B 355 16.32 11.11 -3.97
C VAL B 355 15.56 12.21 -4.73
N MET B 356 14.80 11.81 -5.76
CA MET B 356 13.97 12.68 -6.58
C MET B 356 12.53 12.43 -6.13
N THR B 357 11.86 13.44 -5.60
CA THR B 357 10.56 13.27 -4.92
C THR B 357 9.35 13.78 -5.73
N THR B 358 9.58 14.01 -7.01
CA THR B 358 8.61 14.55 -7.94
C THR B 358 8.79 13.94 -9.34
N LYS B 359 7.74 13.95 -10.17
CA LYS B 359 7.86 13.55 -11.58
C LYS B 359 8.55 14.70 -12.35
N GLU B 360 8.98 14.47 -13.61
CA GLU B 360 9.59 15.52 -14.44
C GLU B 360 8.48 16.51 -14.80
N VAL B 361 7.25 15.98 -15.07
CA VAL B 361 6.07 16.79 -15.42
C VAL B 361 4.91 16.51 -14.47
N GLU B 362 4.41 17.56 -13.79
CA GLU B 362 3.27 17.46 -12.87
C GLU B 362 2.27 18.54 -13.19
N ARG B 363 0.99 18.13 -13.44
CA ARG B 363 -0.15 19.00 -13.81
C ARG B 363 0.21 19.93 -15.00
N GLY B 364 0.79 19.33 -16.04
CA GLY B 364 1.23 20.01 -17.26
C GLY B 364 2.39 20.98 -17.13
N LYS B 365 3.06 21.01 -15.96
CA LYS B 365 4.21 21.87 -15.70
C LYS B 365 5.51 21.09 -15.40
N SER B 366 6.65 21.55 -15.95
CA SER B 366 7.96 20.93 -15.73
C SER B 366 8.49 21.28 -14.33
N LYS B 367 8.84 20.24 -13.55
CA LYS B 367 9.33 20.33 -12.17
C LYS B 367 10.86 20.20 -12.08
N CYS B 368 11.45 19.45 -12.99
CA CYS B 368 12.87 19.11 -12.98
C CYS B 368 13.15 18.59 -14.38
N VAL B 369 14.24 19.04 -14.98
CA VAL B 369 14.61 18.54 -16.31
C VAL B 369 15.25 17.15 -16.10
N LYS B 370 15.27 16.32 -17.15
CA LYS B 370 15.87 15.00 -17.07
C LYS B 370 17.41 15.24 -17.07
N TYR B 371 18.08 14.87 -15.97
CA TYR B 371 19.51 15.11 -15.75
C TYR B 371 20.33 13.82 -15.80
N TRP B 372 19.71 12.73 -16.24
CA TRP B 372 20.33 11.42 -16.31
C TRP B 372 20.10 10.88 -17.70
N PRO B 373 21.00 10.04 -18.25
CA PRO B 373 20.73 9.46 -19.56
C PRO B 373 19.73 8.29 -19.51
N ASP B 374 19.21 7.92 -20.68
CA ASP B 374 18.29 6.80 -20.85
C ASP B 374 19.00 5.50 -20.46
N GLU B 375 18.23 4.46 -20.11
CA GLU B 375 18.81 3.15 -19.72
C GLU B 375 19.83 2.65 -20.74
N TYR B 376 20.98 2.16 -20.25
CA TYR B 376 22.11 1.63 -21.04
C TYR B 376 22.87 2.74 -21.79
N ALA B 377 22.43 4.00 -21.68
CA ALA B 377 23.11 5.10 -22.36
C ALA B 377 24.16 5.78 -21.47
N LEU B 378 25.05 6.54 -22.14
CA LEU B 378 26.15 7.30 -21.58
C LEU B 378 26.05 8.73 -22.12
N LYS B 379 26.21 9.72 -21.23
CA LYS B 379 26.18 11.15 -21.54
C LYS B 379 27.26 11.86 -20.78
N GLU B 380 27.78 12.92 -21.40
CA GLU B 380 28.74 13.83 -20.82
C GLU B 380 28.00 15.12 -20.50
N TYR B 381 28.05 15.54 -19.22
CA TYR B 381 27.47 16.77 -18.70
C TYR B 381 28.65 17.63 -18.32
N GLY B 382 29.18 18.34 -19.31
CA GLY B 382 30.39 19.15 -19.17
C GLY B 382 31.56 18.22 -18.96
N VAL B 383 32.23 18.35 -17.79
CA VAL B 383 33.39 17.52 -17.39
C VAL B 383 32.96 16.17 -16.77
N MET B 384 31.66 16.03 -16.41
CA MET B 384 31.15 14.81 -15.78
C MET B 384 30.56 13.91 -16.81
N ARG B 385 30.74 12.63 -16.60
CA ARG B 385 30.32 11.54 -17.46
C ARG B 385 29.38 10.67 -16.61
N VAL B 386 28.15 10.45 -17.10
CA VAL B 386 27.15 9.64 -16.41
C VAL B 386 26.74 8.45 -17.27
N ARG B 387 26.86 7.25 -16.75
CA ARG B 387 26.36 6.09 -17.45
C ARG B 387 25.09 5.56 -16.73
N ASN B 388 23.97 5.37 -17.45
CA ASN B 388 22.81 4.74 -16.84
C ASN B 388 22.99 3.22 -17.03
N VAL B 389 23.45 2.52 -15.98
CA VAL B 389 23.77 1.08 -15.98
C VAL B 389 22.50 0.21 -16.07
N LYS B 390 21.51 0.51 -15.23
CA LYS B 390 20.28 -0.27 -15.12
C LYS B 390 19.14 0.53 -14.49
N GLU B 391 17.89 0.12 -14.78
CA GLU B 391 16.69 0.69 -14.19
C GLU B 391 15.89 -0.44 -13.55
N SER B 392 15.30 -0.18 -12.39
CA SER B 392 14.46 -1.13 -11.66
C SER B 392 13.23 -0.38 -11.21
N ALA B 393 12.05 -0.77 -11.70
CA ALA B 393 10.84 -0.07 -11.27
C ALA B 393 10.01 -0.90 -10.29
N ALA B 394 9.60 -0.25 -9.21
CA ALA B 394 8.70 -0.74 -8.19
C ALA B 394 7.46 0.11 -8.46
N HIS B 395 6.40 -0.06 -7.71
CA HIS B 395 5.17 0.70 -7.96
C HIS B 395 5.37 2.16 -7.57
N ASP B 396 5.87 2.40 -6.35
CA ASP B 396 6.02 3.75 -5.83
C ASP B 396 7.22 4.49 -6.40
N TYR B 397 8.21 3.76 -6.92
CA TYR B 397 9.42 4.42 -7.36
C TYR B 397 10.21 3.66 -8.40
N THR B 398 11.18 4.36 -8.99
CA THR B 398 12.14 3.83 -9.95
C THR B 398 13.52 3.96 -9.33
N LEU B 399 14.34 2.95 -9.51
CA LEU B 399 15.71 2.97 -9.06
C LEU B 399 16.58 2.99 -10.33
N ARG B 400 17.52 3.93 -10.42
CA ARG B 400 18.42 4.06 -11.57
C ARG B 400 19.85 3.98 -11.08
N GLU B 401 20.56 2.95 -11.56
CA GLU B 401 21.95 2.69 -11.22
C GLU B 401 22.81 3.49 -12.22
N LEU B 402 23.46 4.54 -11.73
CA LEU B 402 24.26 5.45 -12.52
C LEU B 402 25.70 5.35 -12.16
N LYS B 403 26.59 5.48 -13.15
CA LYS B 403 28.03 5.44 -12.92
C LYS B 403 28.52 6.80 -13.31
N LEU B 404 29.04 7.55 -12.34
CA LEU B 404 29.49 8.91 -12.56
C LEU B 404 31.02 9.03 -12.45
N SER B 405 31.63 9.75 -13.40
CA SER B 405 33.07 9.98 -13.40
C SER B 405 33.38 11.28 -14.07
N LYS B 406 34.57 11.78 -13.85
CA LYS B 406 35.08 12.95 -14.50
C LYS B 406 35.69 12.48 -15.84
N VAL B 407 35.35 13.16 -16.95
CA VAL B 407 35.88 12.94 -18.29
C VAL B 407 37.45 13.05 -18.27
N GLY B 408 38.12 12.01 -18.77
CA GLY B 408 39.58 11.90 -18.87
C GLY B 408 40.30 11.27 -17.69
N GLN B 409 39.55 10.70 -16.72
CA GLN B 409 40.07 10.12 -15.47
C GLN B 409 39.18 8.95 -15.04
N GLY B 410 39.58 7.73 -15.38
CA GLY B 410 38.81 6.53 -15.09
C GLY B 410 38.68 6.18 -13.62
N ASN B 411 39.73 6.50 -12.82
CA ASN B 411 39.85 6.24 -11.38
C ASN B 411 38.80 6.98 -10.52
N THR B 412 38.19 8.06 -11.07
CA THR B 412 37.18 8.92 -10.43
C THR B 412 35.77 8.31 -10.35
N GLU B 413 35.54 7.17 -11.00
CA GLU B 413 34.24 6.52 -11.08
C GLU B 413 33.63 5.99 -9.75
N ARG B 414 32.33 6.24 -9.59
CA ARG B 414 31.51 5.78 -8.47
C ARG B 414 30.05 5.64 -8.94
N THR B 415 29.34 4.72 -8.29
CA THR B 415 27.94 4.45 -8.57
C THR B 415 27.10 5.42 -7.73
N VAL B 416 26.13 6.02 -8.36
CA VAL B 416 25.20 6.92 -7.74
C VAL B 416 23.85 6.20 -7.89
N TRP B 417 23.17 6.05 -6.79
CA TRP B 417 21.90 5.37 -6.81
C TRP B 417 20.79 6.43 -6.83
N GLN B 418 20.07 6.53 -7.94
CA GLN B 418 19.00 7.53 -8.01
C GLN B 418 17.68 6.89 -7.72
N TYR B 419 16.97 7.41 -6.75
CA TYR B 419 15.67 6.93 -6.29
C TYR B 419 14.66 7.95 -6.63
N HIS B 420 13.82 7.60 -7.58
CA HIS B 420 12.82 8.52 -8.10
C HIS B 420 11.43 8.12 -7.58
N PHE B 421 10.98 8.79 -6.53
CA PHE B 421 9.64 8.60 -5.97
C PHE B 421 8.63 9.19 -6.96
N ARG B 422 7.63 8.39 -7.34
CA ARG B 422 6.71 8.84 -8.38
C ARG B 422 5.22 8.81 -7.99
N THR B 423 4.89 8.44 -6.75
CA THR B 423 3.48 8.37 -6.35
C THR B 423 3.04 9.48 -5.36
N TRP B 424 3.83 10.54 -5.20
CA TRP B 424 3.41 11.62 -4.31
C TRP B 424 2.27 12.37 -5.06
N PRO B 425 1.08 12.62 -4.44
CA PRO B 425 -0.03 13.27 -5.17
C PRO B 425 0.27 14.65 -5.71
N ASP B 426 -0.46 15.04 -6.79
CA ASP B 426 -0.31 16.35 -7.41
C ASP B 426 -0.65 17.42 -6.37
N HIS B 427 -1.70 17.16 -5.55
CA HIS B 427 -2.06 18.06 -4.46
C HIS B 427 -2.12 17.34 -3.10
N GLY B 428 -1.58 18.00 -2.09
CA GLY B 428 -1.55 17.50 -0.73
C GLY B 428 -0.48 16.46 -0.47
N VAL B 429 -0.78 15.59 0.49
CA VAL B 429 0.14 14.56 0.93
C VAL B 429 -0.46 13.19 0.71
N PRO B 430 0.34 12.10 0.64
CA PRO B 430 -0.26 10.76 0.53
C PRO B 430 -1.17 10.48 1.74
N SER B 431 -2.25 9.71 1.51
CA SER B 431 -3.23 9.30 2.53
C SER B 431 -2.66 8.21 3.45
N ASP B 432 -1.75 7.36 2.94
CA ASP B 432 -1.06 6.32 3.69
C ASP B 432 0.44 6.62 3.66
N PRO B 433 1.18 6.61 4.80
CA PRO B 433 2.62 6.86 4.73
C PRO B 433 3.51 5.64 4.38
N GLY B 434 2.93 4.44 4.31
CA GLY B 434 3.59 3.15 4.04
C GLY B 434 4.61 3.12 2.92
N GLY B 435 4.23 3.59 1.74
CA GLY B 435 5.12 3.71 0.59
C GLY B 435 6.25 4.71 0.76
N VAL B 436 6.03 5.83 1.53
CA VAL B 436 7.10 6.81 1.81
C VAL B 436 8.11 6.14 2.75
N LEU B 437 7.60 5.38 3.74
CA LEU B 437 8.41 4.66 4.73
C LEU B 437 9.18 3.49 4.17
N ASP B 438 8.56 2.74 3.24
CA ASP B 438 9.22 1.62 2.60
C ASP B 438 10.38 2.11 1.73
N PHE B 439 10.16 3.24 1.02
CA PHE B 439 11.10 3.94 0.14
C PHE B 439 12.32 4.47 0.93
N LEU B 440 12.06 5.22 2.02
CA LEU B 440 13.10 5.76 2.89
C LEU B 440 13.94 4.67 3.55
N GLU B 441 13.32 3.55 3.98
CA GLU B 441 14.02 2.40 4.55
C GLU B 441 15.00 1.84 3.49
N GLU B 442 14.56 1.68 2.22
CA GLU B 442 15.39 1.22 1.10
C GLU B 442 16.56 2.19 0.77
N VAL B 443 16.30 3.54 0.86
CA VAL B 443 17.28 4.61 0.67
C VAL B 443 18.34 4.53 1.78
N HIS B 444 17.88 4.36 3.01
CA HIS B 444 18.70 4.23 4.21
C HIS B 444 19.70 3.04 4.13
N HIS B 445 19.23 1.85 3.75
CA HIS B 445 20.08 0.68 3.63
C HIS B 445 21.13 0.80 2.53
N LYS B 446 20.78 1.39 1.36
CA LYS B 446 21.73 1.68 0.27
C LYS B 446 22.83 2.58 0.77
N GLN B 447 22.45 3.72 1.38
CA GLN B 447 23.39 4.67 1.98
C GLN B 447 24.31 4.01 3.03
N GLU B 448 23.72 3.26 3.98
CA GLU B 448 24.44 2.53 5.04
C GLU B 448 25.40 1.43 4.50
N SER B 449 25.08 0.81 3.37
CA SER B 449 25.92 -0.22 2.73
C SER B 449 27.17 0.30 1.98
N ILE B 450 27.21 1.62 1.63
CA ILE B 450 28.30 2.27 0.89
C ILE B 450 29.24 2.98 1.83
N MET B 451 30.49 2.49 1.90
CA MET B 451 31.56 3.04 2.74
C MET B 451 31.93 4.45 2.31
N ASP B 452 32.04 5.35 3.29
CA ASP B 452 32.42 6.76 3.11
C ASP B 452 31.55 7.56 2.07
N ALA B 453 30.24 7.20 1.95
CA ALA B 453 29.28 7.91 1.09
C ALA B 453 29.08 9.31 1.64
N GLY B 454 28.94 10.28 0.74
CA GLY B 454 28.72 11.66 1.09
C GLY B 454 27.24 11.87 1.43
N PRO B 455 26.76 13.13 1.49
CA PRO B 455 25.34 13.33 1.85
C PRO B 455 24.38 12.75 0.85
N VAL B 456 23.16 12.47 1.27
CA VAL B 456 22.10 12.02 0.36
C VAL B 456 21.55 13.29 -0.32
N VAL B 457 21.51 13.34 -1.64
CA VAL B 457 20.96 14.48 -2.38
C VAL B 457 19.43 14.32 -2.42
N VAL B 458 18.69 15.31 -1.98
CA VAL B 458 17.23 15.28 -1.97
C VAL B 458 16.66 16.49 -2.75
N HIS B 459 15.86 16.28 -3.80
CA HIS B 459 15.23 17.38 -4.53
C HIS B 459 13.78 17.14 -4.94
N CYS B 460 13.04 18.24 -5.16
CA CYS B 460 11.66 18.30 -5.67
C CYS B 460 11.59 19.51 -6.63
N SER B 461 10.62 20.42 -6.53
CA SER B 461 10.55 21.58 -7.43
C SER B 461 11.47 22.70 -6.92
N ALA B 462 11.04 23.37 -5.84
CA ALA B 462 11.76 24.48 -5.21
C ALA B 462 12.77 23.95 -4.21
N GLY B 463 12.56 22.72 -3.76
CA GLY B 463 13.43 21.99 -2.84
C GLY B 463 13.27 22.31 -1.38
N ILE B 464 12.03 22.59 -0.95
CA ILE B 464 11.73 23.01 0.44
C ILE B 464 10.56 22.24 1.04
N GLY B 465 9.48 22.00 0.26
CA GLY B 465 8.27 21.33 0.71
C GLY B 465 8.41 19.83 0.96
N ARG B 466 8.22 19.04 -0.11
CA ARG B 466 8.34 17.57 -0.15
C ARG B 466 9.72 17.14 0.34
N THR B 467 10.74 17.85 -0.12
CA THR B 467 12.14 17.67 0.23
C THR B 467 12.29 17.75 1.74
N GLY B 468 11.71 18.78 2.36
CA GLY B 468 11.71 18.97 3.80
C GLY B 468 11.00 17.86 4.52
N THR B 469 9.83 17.47 4.03
CA THR B 469 9.01 16.40 4.57
C THR B 469 9.77 15.10 4.59
N PHE B 470 10.38 14.72 3.44
CA PHE B 470 11.21 13.52 3.30
C PHE B 470 12.38 13.57 4.25
N ILE B 471 13.13 14.70 4.28
CA ILE B 471 14.30 14.84 5.14
C ILE B 471 13.94 14.67 6.61
N VAL B 472 12.93 15.40 7.11
CA VAL B 472 12.47 15.37 8.49
C VAL B 472 11.99 13.98 8.94
N ILE B 473 11.20 13.28 8.09
CA ILE B 473 10.74 11.92 8.38
C ILE B 473 11.98 11.05 8.49
N ASP B 474 12.95 11.23 7.61
CA ASP B 474 14.19 10.47 7.65
C ASP B 474 15.07 10.79 8.84
N ILE B 475 15.02 12.01 9.37
CA ILE B 475 15.84 12.32 10.56
C ILE B 475 15.22 11.63 11.77
N LEU B 476 13.90 11.73 11.87
CA LEU B 476 13.09 11.21 12.97
C LEU B 476 13.07 9.69 13.07
N ILE B 477 12.85 9.01 11.93
CA ILE B 477 12.78 7.54 11.93
C ILE B 477 14.19 6.98 12.09
N ASP B 478 15.22 7.81 11.91
CA ASP B 478 16.60 7.40 12.14
C ASP B 478 16.91 7.38 13.62
N ILE B 479 16.33 8.32 14.39
CA ILE B 479 16.47 8.41 15.86
C ILE B 479 15.84 7.12 16.48
N ILE B 480 14.64 6.75 16.00
CA ILE B 480 13.86 5.58 16.40
C ILE B 480 14.52 4.27 16.03
N ARG B 481 15.13 4.19 14.84
CA ARG B 481 15.82 2.98 14.36
C ARG B 481 17.09 2.65 15.18
N GLU B 482 17.88 3.67 15.58
CA GLU B 482 19.12 3.50 16.35
C GLU B 482 18.91 3.42 17.87
N LYS B 483 18.10 4.35 18.44
CA LYS B 483 17.84 4.41 19.89
C LYS B 483 16.60 3.59 20.35
N GLY B 484 15.89 2.97 19.41
CA GLY B 484 14.71 2.15 19.70
C GLY B 484 13.49 2.99 20.01
N VAL B 485 12.40 2.34 20.49
CA VAL B 485 11.14 2.99 20.89
C VAL B 485 11.27 3.76 22.20
N ASP B 486 12.32 3.48 22.99
CA ASP B 486 12.55 4.20 24.23
C ASP B 486 13.52 5.35 23.96
N CYS B 487 13.01 6.40 23.27
CA CYS B 487 13.77 7.59 22.89
C CYS B 487 12.88 8.82 22.83
N ASP B 488 13.47 10.01 23.03
CA ASP B 488 12.79 11.31 23.02
C ASP B 488 12.84 11.99 21.65
N ILE B 489 11.66 12.20 21.04
CA ILE B 489 11.57 12.90 19.74
C ILE B 489 10.72 14.20 19.89
N ASP B 490 11.01 15.23 19.06
CA ASP B 490 10.39 16.55 19.10
C ASP B 490 10.30 17.05 17.66
N VAL B 491 9.14 16.85 17.05
CA VAL B 491 8.87 17.16 15.64
C VAL B 491 9.15 18.66 15.35
N PRO B 492 8.52 19.66 16.02
CA PRO B 492 8.85 21.07 15.70
C PRO B 492 10.29 21.51 15.92
N LYS B 493 10.95 21.01 16.96
CA LYS B 493 12.34 21.36 17.20
C LYS B 493 13.22 20.86 16.04
N THR B 494 12.87 19.70 15.46
CA THR B 494 13.57 19.06 14.34
C THR B 494 13.33 19.85 13.07
N ILE B 495 12.09 20.32 12.84
CA ILE B 495 11.74 21.14 11.67
C ILE B 495 12.48 22.48 11.76
N GLN B 496 12.45 23.11 12.93
CA GLN B 496 13.11 24.39 13.18
C GLN B 496 14.62 24.28 12.91
N MET B 497 15.27 23.22 13.38
CA MET B 497 16.70 22.99 13.19
C MET B 497 17.06 22.81 11.67
N VAL B 498 16.14 22.21 10.91
CA VAL B 498 16.27 21.94 9.49
C VAL B 498 16.01 23.24 8.69
N ARG B 499 15.01 24.04 9.14
CA ARG B 499 14.64 25.34 8.57
C ARG B 499 15.74 26.39 8.79
N SER B 500 16.64 26.16 9.73
CA SER B 500 17.73 27.12 9.93
C SER B 500 18.86 26.84 8.91
N GLN B 501 18.76 25.68 8.20
CA GLN B 501 19.75 25.29 7.19
C GLN B 501 19.27 25.49 5.73
N ARG B 502 17.93 25.57 5.49
CA ARG B 502 17.34 25.90 4.18
C ARG B 502 16.00 26.53 4.43
N SER B 503 15.71 27.67 3.81
CA SER B 503 14.46 28.38 4.10
C SER B 503 13.20 27.56 3.81
N GLY B 504 12.25 27.66 4.72
CA GLY B 504 10.96 27.00 4.61
C GLY B 504 10.89 25.48 4.49
N MET B 505 11.87 24.72 5.02
CA MET B 505 11.77 23.25 4.97
C MET B 505 10.52 22.85 5.72
N VAL B 506 9.61 22.07 5.08
CA VAL B 506 8.26 21.68 5.54
C VAL B 506 7.36 22.89 5.32
N GLN B 507 6.51 22.80 4.31
CA GLN B 507 5.68 23.93 3.88
C GLN B 507 4.29 24.06 4.49
N THR B 508 3.56 22.96 4.62
CA THR B 508 2.15 23.06 5.02
C THR B 508 1.81 22.31 6.28
N GLU B 509 0.58 22.50 6.76
CA GLU B 509 0.01 21.83 7.93
C GLU B 509 -0.21 20.34 7.64
N ALA B 510 -0.64 20.01 6.38
CA ALA B 510 -0.86 18.65 5.89
C ALA B 510 0.46 17.85 5.88
N GLN B 511 1.60 18.48 5.55
CA GLN B 511 2.91 17.80 5.55
C GLN B 511 3.33 17.57 7.00
N TYR B 512 3.02 18.55 7.88
CA TYR B 512 3.30 18.50 9.32
C TYR B 512 2.59 17.29 9.95
N ARG B 513 1.30 17.11 9.61
CA ARG B 513 0.45 15.99 10.02
C ARG B 513 1.04 14.72 9.41
N PHE B 514 1.47 14.78 8.14
CA PHE B 514 2.08 13.62 7.44
C PHE B 514 3.33 13.09 8.15
N ILE B 515 4.15 13.98 8.73
CA ILE B 515 5.37 13.64 9.48
C ILE B 515 5.01 12.81 10.71
N TYR B 516 4.00 13.28 11.46
CA TYR B 516 3.42 12.61 12.63
C TYR B 516 2.85 11.25 12.27
N MET B 517 2.05 11.20 11.17
CA MET B 517 1.43 9.97 10.67
CA MET B 517 1.43 9.98 10.66
C MET B 517 2.49 8.95 10.22
N ALA B 518 3.59 9.42 9.66
CA ALA B 518 4.67 8.53 9.20
C ALA B 518 5.45 7.93 10.36
N VAL B 519 5.79 8.75 11.37
CA VAL B 519 6.52 8.38 12.57
C VAL B 519 5.71 7.35 13.38
N GLN B 520 4.41 7.61 13.57
CA GLN B 520 3.44 6.74 14.24
C GLN B 520 3.43 5.35 13.57
N HIS B 521 3.16 5.31 12.25
CA HIS B 521 3.14 4.10 11.41
C HIS B 521 4.43 3.31 11.56
N TYR B 522 5.58 3.99 11.55
CA TYR B 522 6.88 3.35 11.72
C TYR B 522 7.04 2.66 13.06
N ILE B 523 6.60 3.32 14.17
CA ILE B 523 6.65 2.81 15.55
C ILE B 523 5.65 1.63 15.69
N GLU B 524 4.48 1.75 15.01
CA GLU B 524 3.43 0.73 14.95
C GLU B 524 3.95 -0.58 14.31
N THR B 525 4.66 -0.49 13.16
CA THR B 525 5.19 -1.67 12.44
C THR B 525 6.51 -2.19 13.04
N LEU B 526 6.71 -1.96 14.35
CA LEU B 526 7.86 -2.45 15.12
C LEU B 526 7.35 -3.51 16.13
C1 JE4 C . -11.50 -36.60 -4.22
C2 JE4 C . -10.19 -36.45 -3.78
C3 JE4 C . -10.13 -38.65 -3.03
O1 JE4 C . -13.35 -38.01 -4.52
C11 JE4 C . -7.12 -42.49 -0.69
C12 JE4 C . -11.92 -35.41 -4.71
C13 JE4 C . -13.20 -34.95 -5.25
C14 JE4 C . -13.33 -34.39 -6.52
C15 JE4 C . -14.58 -33.96 -7.02
C16 JE4 C . -15.75 -34.11 -6.26
C17 JE4 C . -15.65 -34.65 -4.96
C18 JE4 C . -14.39 -35.07 -4.46
C10 JE4 C . -9.65 -41.13 -2.75
C4 JE4 C . -12.20 -37.90 -4.07
C5 JE4 C . -12.24 -40.14 -3.20
C6 JE4 C . -8.34 -39.41 -1.46
C7 JE4 C . -7.02 -40.16 -1.74
C8 JE4 C . -7.19 -41.69 -1.99
C9 JE4 C . -8.45 -42.09 -2.79
N1 JE4 C . -9.50 -37.49 -3.17
N2 JE4 C . -11.51 -38.86 -3.42
N3 JE4 C . -9.40 -39.70 -2.44
N4 JE4 C . -6.06 -42.13 -2.79
N5 JE4 C . -9.73 -35.25 -4.01
N6 JE4 C . -10.78 -34.63 -4.60
CL1 JE4 C . -14.66 -33.36 -8.62
CL2 JE4 C . -11.93 -34.27 -7.50
P PO4 D . 13.20 -30.40 -9.11
O1 PO4 D . 13.36 -31.18 -7.73
O2 PO4 D . 14.15 -31.02 -10.17
O3 PO4 D . 13.52 -28.84 -8.93
O4 PO4 D . 11.68 -30.55 -9.62
P PO4 E . -32.34 1.89 -3.77
O1 PO4 E . -32.48 0.32 -4.07
O2 PO4 E . -31.19 2.10 -2.74
O3 PO4 E . -33.71 2.46 -3.16
O4 PO4 E . -32.01 2.65 -5.14
C1 JE4 F . 6.29 24.60 19.93
C2 JE4 F . 5.02 24.50 19.33
C3 JE4 F . 4.01 24.45 21.42
O1 JE4 F . 7.62 24.68 21.91
C11 JE4 F . -0.18 24.35 24.60
C12 JE4 F . 7.19 24.58 18.92
C13 JE4 F . 8.65 24.59 18.91
C14 JE4 F . 9.34 25.61 18.26
C15 JE4 F . 10.73 25.66 18.25
C16 JE4 F . 11.50 24.67 18.92
C17 JE4 F . 10.82 23.64 19.61
C18 JE4 F . 9.40 23.60 19.59
C10 JE4 F . 2.73 25.44 23.32
C4 JE4 F . 6.47 24.63 21.40
C5 JE4 F . 5.45 24.43 23.58
C6 JE4 F . 1.69 23.63 21.87
C7 JE4 F . 0.31 24.32 22.05
C8 JE4 F . 0.15 25.16 23.34
C9 JE4 F . 1.36 26.07 23.59
N1 JE4 F . 3.87 24.46 20.12
N2 JE4 F . 5.30 24.52 22.10
N3 JE4 F . 2.84 24.50 22.18
N4 JE4 F . -0.98 26.05 23.17
N5 JE4 F . 5.06 24.54 18.03
N6 JE4 F . 6.40 24.61 17.79
CL1 JE4 F . 11.44 26.98 17.42
CL2 JE4 F . 8.48 26.87 17.47
P PO4 G . -10.93 34.70 3.12
O1 PO4 G . -10.96 34.37 4.68
O2 PO4 G . -12.40 35.18 2.68
O3 PO4 G . -10.50 33.45 2.34
O4 PO4 G . -9.87 35.85 2.77
#